data_7CZA
#
_entry.id   7CZA
#
_cell.length_a   112.347
_cell.length_b   139.843
_cell.length_c   171.100
_cell.angle_alpha   90.000
_cell.angle_beta   90.000
_cell.angle_gamma   90.000
#
_symmetry.space_group_name_H-M   'C 2 2 21'
#
loop_
_entity.id
_entity.type
_entity.pdbx_description
1 polymer 'Hexachlorobenzene oxidative dehalogenase'
2 non-polymer 'FLAVIN MONONUCLEOTIDE'
#
_entity_poly.entity_id   1
_entity_poly.type   'polypeptide(L)'
_entity_poly.pdbx_seq_one_letter_code
;MRDTLVLNAFHMNTVCHMYDGGWRNPADRQVEFATLEFWKEVAQTLERGFFDSLFFADVMGTDAAYGDSWDIYAEQGIHF
PMHDAASLVAALIPHTEHLGLTFSSSVIQDHPFSFAKRASTLDHLSGGRVGWNIVTGGTINASQNFGYDSLVPHDERYAI
GEEYMEVVYKLWEGSWDEGALVADKTKGIYADPSKIHKINHRGERYRVAGPHLTLPSPQRTPFLFQAGASTAGRAFASRH
AEATLVLCLTPDSMRVAYKQMQELLAAAGRASDDLLMVQGMSFIVGSTEEEARRKAEEQDQYLDVDALAARVSRDLGVDL
SGADADQPLDTIQTEATQGIAKLMMEAVPDGRPKVKDLPLLYSIRIVGTPETIADELTEWRDAGMGGINMAAQMLPGTDA
DFVDYVVPELQRRGMVQHEYRPGTLREKVFPGRDRLLNERHPASRYRGIFS
;
_entity_poly.pdbx_strand_id   A,B
#
# COMPACT_ATOMS: atom_id res chain seq x y z
N MET A 1 -7.87 33.07 0.00
CA MET A 1 -6.87 33.54 1.03
C MET A 1 -5.39 33.09 0.78
N ARG A 2 -5.08 32.43 -0.36
CA ARG A 2 -3.70 31.95 -0.68
C ARG A 2 -3.03 32.75 -1.81
N ASP A 3 -2.12 33.66 -1.42
CA ASP A 3 -1.41 34.55 -2.36
C ASP A 3 -0.10 33.94 -2.91
N THR A 4 0.28 32.75 -2.45
CA THR A 4 1.48 32.03 -2.96
C THR A 4 1.10 30.85 -3.85
N LEU A 5 1.90 30.54 -4.87
CA LEU A 5 1.67 29.35 -5.72
C LEU A 5 1.79 28.01 -4.97
N VAL A 6 1.08 27.01 -5.49
CA VAL A 6 1.15 25.61 -5.02
C VAL A 6 2.20 24.87 -5.85
N LEU A 7 3.23 24.34 -5.20
CA LEU A 7 4.21 23.53 -5.90
C LEU A 7 3.93 22.04 -5.72
N ASN A 8 3.91 21.33 -6.84
CA ASN A 8 3.61 19.90 -6.85
C ASN A 8 4.60 19.22 -7.80
N ALA A 9 5.33 18.24 -7.30
CA ALA A 9 6.22 17.44 -8.12
C ALA A 9 5.42 16.36 -8.85
N PHE A 10 5.74 16.15 -10.12
CA PHE A 10 5.00 15.25 -11.00
C PHE A 10 5.96 14.18 -11.50
N HIS A 11 6.14 13.16 -10.66
CA HIS A 11 6.98 11.99 -10.95
C HIS A 11 6.13 10.70 -10.95
N MET A 12 6.78 9.62 -11.35
CA MET A 12 6.13 8.35 -11.55
C MET A 12 7.16 7.29 -11.17
N ASN A 13 6.70 6.17 -10.61
CA ASN A 13 7.57 5.14 -9.98
C ASN A 13 8.13 4.15 -11.01
N THR A 14 8.89 4.71 -11.95
CA THR A 14 9.35 4.05 -13.17
C THR A 14 10.73 4.65 -13.52
N VAL A 15 11.50 4.00 -14.41
CA VAL A 15 12.85 4.51 -14.69
C VAL A 15 12.85 5.82 -15.45
N CYS A 16 11.88 6.07 -16.31
CA CYS A 16 11.92 7.28 -17.13
C CYS A 16 10.53 7.81 -17.41
N HIS A 17 10.04 8.65 -16.51
CA HIS A 17 8.68 9.19 -16.54
C HIS A 17 8.52 10.23 -17.66
N MET A 18 9.45 11.19 -17.73
CA MET A 18 9.35 12.34 -18.65
C MET A 18 10.65 12.60 -19.45
N TYR A 19 10.52 13.27 -20.62
CA TYR A 19 11.62 13.55 -21.57
C TYR A 19 12.31 12.26 -22.02
N ASP A 20 11.50 11.45 -22.73
CA ASP A 20 11.83 10.06 -23.11
C ASP A 20 13.28 9.78 -23.59
N GLY A 21 13.82 8.62 -23.19
CA GLY A 21 15.25 8.31 -23.42
C GLY A 21 16.22 8.99 -22.47
N GLY A 22 15.69 9.84 -21.57
CA GLY A 22 16.50 10.66 -20.66
C GLY A 22 17.14 9.91 -19.51
N TRP A 23 16.78 8.64 -19.35
CA TRP A 23 17.47 7.73 -18.43
C TRP A 23 18.91 7.43 -18.81
N ARG A 24 19.30 7.77 -20.03
CA ARG A 24 20.63 7.53 -20.52
C ARG A 24 21.61 8.50 -19.91
N ASN A 25 21.26 9.79 -19.86
CA ASN A 25 22.13 10.84 -19.31
C ASN A 25 23.01 10.25 -18.19
N PRO A 26 24.34 10.12 -18.43
CA PRO A 26 25.31 9.83 -17.39
C PRO A 26 25.08 10.54 -16.01
N ALA A 27 24.63 11.80 -16.01
CA ALA A 27 24.38 12.56 -14.74
C ALA A 27 23.12 12.16 -13.98
N ASP A 28 22.30 11.30 -14.60
CA ASP A 28 20.99 10.93 -14.08
C ASP A 28 21.14 9.90 -12.98
N ARG A 29 20.07 9.66 -12.25
CA ARG A 29 20.02 8.60 -11.28
C ARG A 29 18.65 7.82 -11.23
N GLN A 30 17.84 7.91 -12.29
CA GLN A 30 16.43 7.42 -12.26
C GLN A 30 16.30 5.89 -12.32
N VAL A 31 17.27 5.28 -12.99
CA VAL A 31 17.54 3.82 -12.88
C VAL A 31 17.49 3.23 -11.44
N GLU A 32 17.71 4.10 -10.44
CA GLU A 32 17.52 3.78 -9.02
C GLU A 32 16.08 3.75 -8.46
N PHE A 33 15.07 4.14 -9.27
CA PHE A 33 13.67 4.27 -8.77
C PHE A 33 13.16 3.03 -7.94
N ALA A 34 13.73 1.86 -8.24
CA ALA A 34 13.37 0.63 -7.57
C ALA A 34 13.65 0.73 -6.06
N THR A 35 14.71 1.45 -5.68
CA THR A 35 15.09 1.60 -4.25
C THR A 35 14.34 2.75 -3.51
N LEU A 36 14.16 2.54 -2.21
CA LEU A 36 13.57 3.56 -1.36
C LEU A 36 14.43 4.81 -1.27
N GLU A 37 15.74 4.63 -1.40
CA GLU A 37 16.72 5.66 -1.03
C GLU A 37 16.81 6.76 -2.06
N PHE A 38 16.75 6.38 -3.33
CA PHE A 38 16.75 7.32 -4.43
C PHE A 38 15.65 8.31 -4.17
N TRP A 39 14.44 7.79 -3.99
CA TRP A 39 13.25 8.62 -3.76
C TRP A 39 13.20 9.40 -2.47
N LYS A 40 13.85 8.89 -1.43
CA LYS A 40 13.98 9.64 -0.20
C LYS A 40 14.68 10.95 -0.51
N GLU A 41 15.83 10.88 -1.18
CA GLU A 41 16.59 12.09 -1.56
C GLU A 41 15.75 13.14 -2.37
N VAL A 42 14.83 12.65 -3.19
CA VAL A 42 13.95 13.46 -4.05
C VAL A 42 12.83 14.04 -3.22
N ALA A 43 12.20 13.21 -2.38
CA ALA A 43 11.26 13.68 -1.34
C ALA A 43 11.84 14.81 -0.45
N GLN A 44 13.04 14.59 0.08
CA GLN A 44 13.68 15.54 1.02
C GLN A 44 14.12 16.84 0.38
N THR A 45 14.76 16.77 -0.78
CA THR A 45 15.11 17.96 -1.57
C THR A 45 13.86 18.82 -1.73
N LEU A 46 12.76 18.19 -2.11
CA LEU A 46 11.51 18.93 -2.35
C LEU A 46 10.99 19.64 -1.10
N GLU A 47 11.08 18.97 0.05
CA GLU A 47 10.65 19.57 1.33
C GLU A 47 11.63 20.64 1.83
N ARG A 48 12.89 20.59 1.38
CA ARG A 48 13.80 21.73 1.54
C ARG A 48 13.30 22.95 0.69
N GLY A 49 12.66 22.66 -0.44
CA GLY A 49 12.00 23.67 -1.26
C GLY A 49 10.57 24.05 -0.88
N PHE A 50 10.04 23.53 0.22
CA PHE A 50 8.70 23.90 0.69
C PHE A 50 7.57 23.59 -0.31
N PHE A 51 7.80 22.52 -1.08
CA PHE A 51 6.81 21.99 -2.02
C PHE A 51 5.61 21.51 -1.22
N ASP A 52 4.40 21.78 -1.69
CA ASP A 52 3.18 21.34 -1.00
C ASP A 52 2.92 19.85 -1.19
N SER A 53 3.36 19.29 -2.30
CA SER A 53 3.08 17.92 -2.59
C SER A 53 4.10 17.27 -3.52
N LEU A 54 4.12 15.94 -3.50
CA LEU A 54 4.90 15.12 -4.43
C LEU A 54 3.92 14.08 -4.96
N PHE A 55 3.80 13.97 -6.27
CA PHE A 55 2.72 13.20 -6.86
C PHE A 55 3.29 12.09 -7.73
N PHE A 56 2.83 10.86 -7.47
CA PHE A 56 3.28 9.69 -8.22
C PHE A 56 2.20 9.23 -9.20
N ALA A 57 2.40 9.50 -10.49
CA ALA A 57 1.60 8.86 -11.53
C ALA A 57 1.72 7.31 -11.54
N ASP A 58 0.80 6.65 -12.25
CA ASP A 58 0.63 5.18 -12.15
C ASP A 58 -0.27 4.51 -13.23
N VAL A 59 0.26 3.45 -13.85
CA VAL A 59 -0.43 2.66 -14.90
C VAL A 59 -0.40 1.18 -14.52
N MET A 60 -1.41 0.44 -14.99
CA MET A 60 -1.41 -1.03 -14.89
C MET A 60 -1.13 -1.67 -16.26
N GLY A 61 -0.35 -0.99 -17.10
CA GLY A 61 -0.30 -1.35 -18.50
C GLY A 61 0.85 -0.85 -19.34
N THR A 62 1.01 -1.58 -20.44
CA THR A 62 2.01 -1.34 -21.45
C THR A 62 1.40 -1.94 -22.71
N ASP A 63 1.55 -1.24 -23.82
CA ASP A 63 0.95 -1.64 -25.09
C ASP A 63 1.84 -1.24 -26.25
N ALA A 64 1.73 -1.99 -27.34
CA ALA A 64 2.55 -1.78 -28.53
C ALA A 64 1.79 -1.03 -29.64
N ALA A 65 1.37 0.20 -29.36
CA ALA A 65 0.68 1.01 -30.36
C ALA A 65 1.62 1.44 -31.49
N TYR A 66 2.93 1.51 -31.23
CA TYR A 66 3.92 1.73 -32.29
C TYR A 66 4.12 0.47 -33.17
N GLY A 67 3.67 0.52 -34.43
CA GLY A 67 3.86 -0.56 -35.40
C GLY A 67 3.23 -1.85 -34.91
N ASP A 68 4.07 -2.83 -34.60
CA ASP A 68 3.63 -4.09 -33.95
C ASP A 68 4.80 -4.83 -33.26
N SER A 69 5.66 -4.08 -32.58
CA SER A 69 6.78 -4.64 -31.80
C SER A 69 6.92 -3.84 -30.53
N TRP A 70 6.56 -4.45 -29.41
CA TRP A 70 6.58 -3.77 -28.13
C TRP A 70 8.00 -3.45 -27.64
N ASP A 71 8.95 -3.79 -28.49
CA ASP A 71 10.35 -3.62 -28.20
C ASP A 71 10.86 -2.34 -27.53
N ILE A 72 10.66 -1.20 -28.18
CA ILE A 72 11.19 0.05 -27.67
C ILE A 72 10.75 0.50 -26.28
N TYR A 73 9.62 -0.02 -25.81
CA TYR A 73 9.09 0.34 -24.48
C TYR A 73 9.87 -0.32 -23.33
N ALA A 74 10.46 -1.47 -23.58
CA ALA A 74 11.43 -2.07 -22.64
C ALA A 74 12.84 -1.54 -22.88
N GLU A 75 13.20 -1.35 -24.15
CA GLU A 75 14.54 -0.86 -24.52
C GLU A 75 14.79 0.57 -24.11
N GLN A 76 13.77 1.42 -24.13
CA GLN A 76 13.94 2.79 -23.65
C GLN A 76 13.18 3.11 -22.38
N GLY A 77 12.58 2.09 -21.76
CA GLY A 77 11.96 2.20 -20.44
C GLY A 77 10.73 3.09 -20.37
N ILE A 78 9.88 3.03 -21.39
CA ILE A 78 8.79 3.99 -21.55
C ILE A 78 7.62 3.55 -20.68
N HIS A 79 7.57 4.11 -19.45
CA HIS A 79 6.54 3.82 -18.44
C HIS A 79 6.41 2.31 -18.19
N PHE A 80 7.55 1.61 -18.22
CA PHE A 80 7.71 0.17 -17.97
C PHE A 80 9.20 -0.07 -17.68
N PRO A 81 9.57 -0.64 -16.53
CA PRO A 81 8.67 -1.10 -15.45
C PRO A 81 7.82 -0.01 -14.77
N MET A 82 6.72 -0.43 -14.16
CA MET A 82 5.88 0.45 -13.35
C MET A 82 5.77 -0.19 -12.00
N HIS A 83 6.11 0.59 -10.96
CA HIS A 83 5.99 0.13 -9.60
C HIS A 83 4.85 0.89 -8.97
N ASP A 84 4.27 0.26 -7.95
CA ASP A 84 3.10 0.76 -7.26
C ASP A 84 3.35 2.01 -6.41
N ALA A 85 2.74 3.12 -6.83
CA ALA A 85 2.75 4.41 -6.10
C ALA A 85 2.33 4.38 -4.63
N ALA A 86 1.09 3.98 -4.33
CA ALA A 86 0.61 3.87 -2.92
C ALA A 86 1.63 3.35 -1.91
N SER A 87 2.28 2.24 -2.29
CA SER A 87 3.31 1.49 -1.48
C SER A 87 4.51 2.34 -1.14
N LEU A 88 4.96 3.09 -2.14
CA LEU A 88 6.08 4.00 -1.98
C LEU A 88 5.72 5.20 -1.10
N VAL A 89 4.53 5.73 -1.28
CA VAL A 89 4.05 6.84 -0.48
C VAL A 89 4.10 6.50 0.99
N ALA A 90 3.62 5.31 1.33
CA ALA A 90 3.72 4.82 2.72
C ALA A 90 5.18 4.74 3.15
N ALA A 91 6.00 4.23 2.26
CA ALA A 91 7.41 4.15 2.49
C ALA A 91 8.07 5.53 2.71
N LEU A 92 7.48 6.61 2.17
CA LEU A 92 7.99 7.99 2.39
C LEU A 92 7.41 8.78 3.57
N ILE A 93 6.26 8.36 4.12
CA ILE A 93 5.75 8.94 5.40
C ILE A 93 6.91 9.32 6.35
N PRO A 94 7.77 8.33 6.74
CA PRO A 94 8.77 8.60 7.77
C PRO A 94 9.88 9.53 7.38
N HIS A 95 10.26 9.55 6.10
CA HIS A 95 11.31 10.44 5.63
C HIS A 95 10.80 11.81 5.18
N THR A 96 9.58 12.20 5.56
CA THR A 96 9.04 13.55 5.32
C THR A 96 8.22 13.98 6.53
N GLU A 97 7.77 15.22 6.56
CA GLU A 97 7.04 15.72 7.74
C GLU A 97 5.82 16.58 7.36
N HIS A 98 6.05 17.58 6.52
CA HIS A 98 5.01 18.42 6.02
C HIS A 98 4.72 18.18 4.55
N LEU A 99 5.55 17.40 3.86
CA LEU A 99 5.34 17.18 2.43
C LEU A 99 4.10 16.31 2.16
N GLY A 100 3.25 16.81 1.26
CA GLY A 100 2.08 16.05 0.78
C GLY A 100 2.46 14.89 -0.14
N LEU A 101 1.97 13.69 0.19
CA LEU A 101 2.27 12.48 -0.58
C LEU A 101 1.02 11.98 -1.33
N THR A 102 1.10 12.14 -2.66
CA THR A 102 -0.03 12.01 -3.57
C THR A 102 0.28 10.89 -4.55
N PHE A 103 -0.78 10.29 -5.07
CA PHE A 103 -0.68 9.21 -6.03
C PHE A 103 -1.91 9.03 -6.96
N SER A 104 -1.70 8.45 -8.12
CA SER A 104 -2.79 7.98 -8.94
C SER A 104 -3.15 6.55 -8.51
N SER A 105 -4.40 6.34 -8.13
CA SER A 105 -5.04 5.04 -8.24
C SER A 105 -6.12 5.28 -9.27
N SER A 106 -6.32 4.29 -10.16
CA SER A 106 -7.43 4.26 -11.11
C SER A 106 -8.63 3.44 -10.60
N VAL A 107 -9.67 3.40 -11.43
CA VAL A 107 -10.95 2.79 -11.09
C VAL A 107 -10.91 1.27 -11.30
N ILE A 108 -10.36 0.84 -12.43
CA ILE A 108 -10.20 -0.60 -12.70
C ILE A 108 -9.26 -1.34 -11.72
N GLN A 109 -8.18 -0.70 -11.30
CA GLN A 109 -7.11 -1.36 -10.56
C GLN A 109 -7.33 -1.55 -9.04
N ASP A 110 -8.45 -1.09 -8.50
CA ASP A 110 -8.78 -1.34 -7.11
C ASP A 110 -10.23 -0.99 -6.82
N HIS A 111 -10.91 -1.94 -6.16
CA HIS A 111 -12.32 -1.82 -5.77
C HIS A 111 -12.48 -0.64 -4.79
N PRO A 112 -13.57 0.14 -4.90
CA PRO A 112 -13.60 1.33 -4.06
C PRO A 112 -13.63 1.05 -2.54
N PHE A 113 -14.10 -0.10 -2.11
CA PHE A 113 -14.00 -0.46 -0.70
C PHE A 113 -12.56 -0.63 -0.31
N SER A 114 -11.81 -1.48 -1.00
CA SER A 114 -10.37 -1.60 -0.80
C SER A 114 -9.65 -0.27 -0.93
N PHE A 115 -9.89 0.44 -2.02
CA PHE A 115 -9.25 1.75 -2.21
C PHE A 115 -9.63 2.73 -1.12
N ALA A 116 -10.84 2.66 -0.59
CA ALA A 116 -11.25 3.55 0.49
C ALA A 116 -10.49 3.22 1.74
N LYS A 117 -10.39 1.92 2.04
CA LYS A 117 -9.78 1.46 3.28
C LYS A 117 -8.31 1.79 3.33
N ARG A 118 -7.63 1.65 2.20
CA ARG A 118 -6.21 1.98 2.09
C ARG A 118 -5.93 3.46 2.22
N ALA A 119 -6.74 4.27 1.56
CA ALA A 119 -6.56 5.73 1.57
C ALA A 119 -6.68 6.27 2.99
N SER A 120 -7.76 5.89 3.67
CA SER A 120 -8.02 6.27 5.05
C SER A 120 -6.86 5.95 5.97
N THR A 121 -6.40 4.70 5.83
CA THR A 121 -5.23 4.18 6.53
C THR A 121 -3.98 5.06 6.31
N LEU A 122 -3.61 5.29 5.07
CA LEU A 122 -2.49 6.15 4.77
C LEU A 122 -2.69 7.55 5.30
N ASP A 123 -3.94 8.03 5.23
CA ASP A 123 -4.30 9.36 5.73
C ASP A 123 -4.07 9.46 7.21
N HIS A 124 -4.53 8.47 7.97
CA HIS A 124 -4.13 8.37 9.37
C HIS A 124 -2.60 8.39 9.49
N LEU A 125 -1.93 7.39 8.94
CA LEU A 125 -0.48 7.17 9.14
C LEU A 125 0.38 8.35 8.76
N SER A 126 0.01 9.00 7.65
CA SER A 126 0.70 10.20 7.17
C SER A 126 0.43 11.45 8.02
N GLY A 127 -0.67 11.47 8.76
CA GLY A 127 -1.05 12.63 9.56
C GLY A 127 -1.78 13.64 8.71
N GLY A 128 -2.61 13.16 7.79
CA GLY A 128 -3.44 14.02 6.94
C GLY A 128 -2.74 14.65 5.76
N ARG A 129 -1.80 13.92 5.16
CA ARG A 129 -0.99 14.42 4.05
C ARG A 129 -1.26 13.74 2.70
N VAL A 130 -2.34 12.97 2.59
CA VAL A 130 -2.56 12.13 1.39
C VAL A 130 -3.23 12.91 0.28
N GLY A 131 -2.66 12.78 -0.91
CA GLY A 131 -3.31 13.23 -2.15
C GLY A 131 -3.78 12.07 -3.00
N TRP A 132 -4.97 12.18 -3.59
CA TRP A 132 -5.46 11.16 -4.52
C TRP A 132 -5.80 11.66 -5.92
N ASN A 133 -5.02 11.28 -6.93
CA ASN A 133 -5.38 11.63 -8.29
C ASN A 133 -6.38 10.63 -8.80
N ILE A 134 -7.58 11.09 -9.19
CA ILE A 134 -8.62 10.14 -9.58
C ILE A 134 -8.41 9.85 -11.06
N VAL A 135 -8.20 8.56 -11.37
CA VAL A 135 -8.02 8.09 -12.75
C VAL A 135 -9.21 7.19 -13.13
N THR A 136 -9.74 7.39 -14.34
CA THR A 136 -10.97 6.71 -14.79
C THR A 136 -10.80 5.78 -16.01
N GLY A 137 -9.73 5.96 -16.77
CA GLY A 137 -9.34 5.01 -17.81
C GLY A 137 -8.10 4.19 -17.47
N GLY A 138 -7.17 4.17 -18.43
CA GLY A 138 -6.07 3.21 -18.49
C GLY A 138 -6.13 2.63 -19.89
N THR A 139 -5.00 2.09 -20.34
CA THR A 139 -4.86 1.52 -21.70
C THR A 139 -5.49 0.12 -21.88
N ILE A 140 -5.33 -0.48 -23.07
CA ILE A 140 -5.97 -1.79 -23.43
C ILE A 140 -5.48 -2.95 -22.54
N ASN A 141 -4.16 -3.08 -22.48
CA ASN A 141 -3.45 -4.08 -21.65
C ASN A 141 -3.90 -4.00 -20.19
N ALA A 142 -4.02 -2.77 -19.70
CA ALA A 142 -4.63 -2.49 -18.37
C ALA A 142 -5.93 -3.26 -18.18
N SER A 143 -6.81 -3.23 -19.18
CA SER A 143 -8.08 -3.94 -19.12
C SER A 143 -7.83 -5.45 -19.22
N GLN A 144 -7.02 -5.86 -20.21
CA GLN A 144 -6.74 -7.29 -20.44
C GLN A 144 -5.94 -7.94 -19.30
N ASN A 145 -5.36 -7.11 -18.43
CA ASN A 145 -4.71 -7.56 -17.17
C ASN A 145 -5.71 -7.82 -16.00
N PHE A 146 -6.93 -7.30 -16.09
CA PHE A 146 -8.00 -7.66 -15.15
C PHE A 146 -9.10 -8.34 -15.94
N GLY A 147 -8.72 -9.19 -16.88
CA GLY A 147 -9.65 -9.85 -17.78
C GLY A 147 -10.83 -9.03 -18.30
N TYR A 148 -10.58 -8.15 -19.26
CA TYR A 148 -11.67 -7.49 -19.99
C TYR A 148 -11.32 -7.44 -21.48
N ASP A 149 -12.29 -7.81 -22.33
CA ASP A 149 -12.16 -7.71 -23.79
C ASP A 149 -11.35 -6.51 -24.23
N SER A 150 -11.94 -5.35 -23.96
CA SER A 150 -11.50 -4.08 -24.49
C SER A 150 -11.94 -2.99 -23.51
N LEU A 151 -11.73 -1.74 -23.90
CA LEU A 151 -12.07 -0.61 -23.06
C LEU A 151 -13.59 -0.46 -23.06
N VAL A 152 -14.17 -0.15 -21.89
CA VAL A 152 -15.54 0.42 -21.85
C VAL A 152 -15.48 1.78 -22.55
N PRO A 153 -16.56 2.18 -23.25
CA PRO A 153 -16.45 3.40 -24.09
C PRO A 153 -16.18 4.69 -23.30
N HIS A 154 -15.45 5.64 -23.92
CA HIS A 154 -14.92 6.87 -23.25
C HIS A 154 -15.79 7.42 -22.12
N ASP A 155 -16.99 7.83 -22.46
CA ASP A 155 -17.86 8.55 -21.53
C ASP A 155 -18.46 7.67 -20.45
N GLU A 156 -18.69 6.39 -20.75
CA GLU A 156 -19.09 5.41 -19.72
C GLU A 156 -18.01 5.33 -18.64
N ARG A 157 -16.74 5.40 -19.04
CA ARG A 157 -15.61 5.50 -18.09
C ARG A 157 -15.85 6.55 -16.96
N TYR A 158 -16.48 7.69 -17.31
CA TYR A 158 -16.80 8.77 -16.35
C TYR A 158 -18.10 8.57 -15.59
N ALA A 159 -19.06 7.94 -16.23
CA ALA A 159 -20.22 7.36 -15.53
C ALA A 159 -19.73 6.48 -14.39
N ILE A 160 -18.89 5.50 -14.74
CA ILE A 160 -18.31 4.56 -13.77
C ILE A 160 -17.56 5.36 -12.72
N GLY A 161 -16.78 6.35 -13.17
CA GLY A 161 -16.12 7.29 -12.25
C GLY A 161 -17.03 7.85 -11.16
N GLU A 162 -18.20 8.36 -11.57
CA GLU A 162 -19.16 8.95 -10.62
C GLU A 162 -19.63 7.97 -9.55
N GLU A 163 -19.91 6.71 -9.94
CA GLU A 163 -20.35 5.73 -8.95
C GLU A 163 -19.22 5.42 -7.98
N TYR A 164 -17.99 5.35 -8.48
CA TYR A 164 -16.83 5.05 -7.63
C TYR A 164 -16.75 6.14 -6.54
N MET A 165 -16.84 7.39 -6.96
CA MET A 165 -16.90 8.51 -6.02
C MET A 165 -18.19 8.48 -5.15
N GLU A 166 -19.33 8.10 -5.73
CA GLU A 166 -20.55 7.80 -4.93
C GLU A 166 -20.21 6.85 -3.76
N VAL A 167 -19.52 5.75 -4.05
CA VAL A 167 -19.20 4.74 -3.02
C VAL A 167 -18.17 5.23 -2.00
N VAL A 168 -17.07 5.83 -2.45
CA VAL A 168 -15.98 6.18 -1.51
C VAL A 168 -16.38 7.29 -0.52
N TYR A 169 -17.15 8.27 -0.99
CA TYR A 169 -17.61 9.38 -0.15
C TYR A 169 -18.56 8.88 0.93
N LYS A 170 -19.42 7.93 0.55
CA LYS A 170 -20.30 7.24 1.50
C LYS A 170 -19.49 6.63 2.62
N LEU A 171 -18.44 5.91 2.25
CA LEU A 171 -17.57 5.28 3.24
C LEU A 171 -16.81 6.34 4.11
N TRP A 172 -16.10 7.26 3.43
CA TRP A 172 -15.26 8.26 4.09
C TRP A 172 -16.04 9.26 4.95
N GLU A 173 -17.16 9.79 4.42
CA GLU A 173 -17.97 10.82 5.10
C GLU A 173 -19.24 10.27 5.76
N GLY A 174 -19.88 9.28 5.14
CA GLY A 174 -21.22 8.89 5.55
C GLY A 174 -21.31 7.86 6.67
N SER A 175 -20.46 6.84 6.56
CA SER A 175 -20.58 5.65 7.42
C SER A 175 -20.37 5.99 8.89
N TRP A 176 -19.24 6.58 9.22
CA TRP A 176 -18.97 7.02 10.59
C TRP A 176 -19.48 8.44 10.72
N ASP A 177 -20.40 8.67 11.64
CA ASP A 177 -20.88 10.02 11.95
C ASP A 177 -19.94 10.66 12.97
N GLU A 178 -20.10 11.97 13.21
CA GLU A 178 -19.23 12.68 14.14
C GLU A 178 -19.37 12.13 15.57
N GLY A 179 -18.26 12.11 16.30
CA GLY A 179 -18.21 11.63 17.68
C GLY A 179 -18.35 10.11 17.87
N ALA A 180 -18.02 9.34 16.83
CA ALA A 180 -18.18 7.89 16.86
C ALA A 180 -17.10 7.26 17.71
N LEU A 181 -15.88 7.78 17.62
CA LEU A 181 -14.81 7.35 18.53
C LEU A 181 -15.09 7.91 19.93
N VAL A 182 -14.99 7.06 20.93
CA VAL A 182 -15.21 7.42 22.32
C VAL A 182 -13.98 7.08 23.17
N ALA A 183 -13.41 5.90 22.97
CA ALA A 183 -12.12 5.53 23.54
C ALA A 183 -12.10 5.60 25.07
N ASP A 184 -13.26 5.35 25.69
CA ASP A 184 -13.45 5.40 27.14
C ASP A 184 -13.21 4.03 27.80
N LYS A 185 -12.01 3.85 28.34
CA LYS A 185 -11.60 2.61 28.96
C LYS A 185 -12.43 2.30 30.21
N THR A 186 -12.66 3.30 31.06
CA THR A 186 -13.40 3.08 32.33
C THR A 186 -14.85 2.67 32.04
N LYS A 187 -15.54 3.43 31.19
CA LYS A 187 -16.94 3.12 30.81
C LYS A 187 -17.06 1.81 30.01
N GLY A 188 -16.00 1.46 29.26
CA GLY A 188 -15.99 0.27 28.41
C GLY A 188 -16.75 0.46 27.11
N ILE A 189 -16.56 1.60 26.45
CA ILE A 189 -17.11 1.86 25.12
C ILE A 189 -15.97 2.45 24.28
N TYR A 190 -15.55 1.73 23.24
CA TYR A 190 -14.51 2.24 22.34
C TYR A 190 -15.20 3.08 21.28
N ALA A 191 -16.06 2.48 20.47
CA ALA A 191 -16.73 3.21 19.40
C ALA A 191 -18.27 3.11 19.54
N ASP A 192 -18.95 4.24 19.32
CA ASP A 192 -20.39 4.35 19.57
C ASP A 192 -21.21 3.75 18.40
N PRO A 193 -21.75 2.52 18.58
CA PRO A 193 -22.33 1.82 17.43
C PRO A 193 -23.55 2.51 16.83
N SER A 194 -24.19 3.39 17.62
CA SER A 194 -25.32 4.20 17.14
C SER A 194 -24.92 5.22 16.09
N LYS A 195 -23.62 5.47 15.98
CA LYS A 195 -23.07 6.44 15.04
C LYS A 195 -22.29 5.82 13.85
N ILE A 196 -22.37 4.50 13.69
CA ILE A 196 -21.59 3.76 12.68
C ILE A 196 -22.48 2.88 11.80
N HIS A 197 -22.50 3.20 10.50
CA HIS A 197 -23.57 2.77 9.59
C HIS A 197 -23.11 1.96 8.40
N LYS A 198 -23.95 1.01 7.97
CA LYS A 198 -23.82 0.44 6.63
C LYS A 198 -24.08 1.48 5.55
N ILE A 199 -23.59 1.23 4.37
CA ILE A 199 -23.91 2.09 3.24
C ILE A 199 -24.96 1.49 2.32
N ASN A 200 -25.03 0.16 2.24
CA ASN A 200 -26.03 -0.56 1.44
C ASN A 200 -26.15 0.06 0.06
N HIS A 201 -25.00 0.37 -0.51
CA HIS A 201 -24.94 0.97 -1.82
C HIS A 201 -25.21 -0.19 -2.80
N ARG A 202 -26.13 0.03 -3.74
CA ARG A 202 -26.51 -0.96 -4.76
C ARG A 202 -26.72 -0.18 -6.06
N GLY A 203 -25.74 -0.21 -6.96
CA GLY A 203 -25.79 0.55 -8.22
C GLY A 203 -25.53 -0.34 -9.41
N GLU A 204 -25.22 0.26 -10.57
CA GLU A 204 -25.16 -0.47 -11.85
C GLU A 204 -23.82 -1.17 -12.10
N ARG A 205 -22.78 -0.72 -11.42
CA ARG A 205 -21.51 -1.44 -11.38
C ARG A 205 -21.04 -1.91 -10.00
N TYR A 206 -21.51 -1.29 -8.91
CA TYR A 206 -21.01 -1.59 -7.55
C TYR A 206 -22.15 -1.86 -6.57
N ARG A 207 -22.05 -2.98 -5.84
CA ARG A 207 -22.78 -3.21 -4.59
C ARG A 207 -21.76 -3.27 -3.44
N VAL A 208 -22.07 -2.57 -2.35
CA VAL A 208 -21.18 -2.49 -1.19
C VAL A 208 -22.02 -2.30 0.08
N ALA A 209 -21.71 -3.11 1.10
CA ALA A 209 -22.46 -3.10 2.34
C ALA A 209 -21.98 -1.97 3.22
N GLY A 210 -20.70 -2.02 3.56
CA GLY A 210 -20.15 -1.23 4.63
C GLY A 210 -20.56 -1.94 5.91
N PRO A 211 -20.32 -1.34 7.08
CA PRO A 211 -19.72 -0.03 7.21
C PRO A 211 -18.27 0.02 6.75
N HIS A 212 -17.79 1.24 6.54
CA HIS A 212 -16.38 1.52 6.33
C HIS A 212 -15.61 1.07 7.56
N LEU A 213 -14.40 0.56 7.36
CA LEU A 213 -13.66 -0.13 8.43
C LEU A 213 -12.74 0.74 9.30
N THR A 214 -12.33 1.91 8.81
CA THR A 214 -11.38 2.76 9.53
C THR A 214 -12.02 3.89 10.36
N LEU A 215 -11.41 4.20 11.51
CA LEU A 215 -11.67 5.45 12.23
C LEU A 215 -11.66 6.61 11.26
N PRO A 216 -12.51 7.63 11.48
CA PRO A 216 -12.32 8.82 10.64
C PRO A 216 -10.88 9.34 10.73
N SER A 217 -10.29 9.60 9.56
CA SER A 217 -8.93 10.13 9.43
C SER A 217 -8.94 11.68 9.38
N PRO A 218 -7.79 12.31 9.55
CA PRO A 218 -7.62 13.77 9.53
C PRO A 218 -8.29 14.54 8.38
N GLN A 219 -8.25 13.99 7.19
CA GLN A 219 -8.88 14.61 6.02
C GLN A 219 -10.19 13.93 5.63
N ARG A 220 -10.48 12.76 6.21
CA ARG A 220 -11.62 11.89 5.87
C ARG A 220 -11.44 11.37 4.44
N THR A 221 -11.65 12.28 3.50
CA THR A 221 -11.59 12.10 2.07
C THR A 221 -10.27 12.74 1.63
N PRO A 222 -9.32 11.95 1.11
CA PRO A 222 -8.05 12.57 0.77
C PRO A 222 -8.14 13.71 -0.22
N PHE A 223 -7.12 14.56 -0.19
CA PHE A 223 -6.99 15.73 -1.05
C PHE A 223 -7.09 15.28 -2.49
N LEU A 224 -8.03 15.85 -3.25
CA LEU A 224 -8.43 15.29 -4.55
C LEU A 224 -7.84 15.97 -5.79
N PHE A 225 -7.08 15.21 -6.57
CA PHE A 225 -6.54 15.64 -7.85
C PHE A 225 -7.33 14.93 -8.95
N GLN A 226 -7.57 15.62 -10.06
CA GLN A 226 -8.09 14.99 -11.29
C GLN A 226 -7.47 15.67 -12.50
N ALA A 227 -7.26 14.90 -13.58
CA ALA A 227 -6.53 15.39 -14.75
C ALA A 227 -7.27 15.21 -16.08
N GLY A 228 -8.56 15.51 -16.08
CA GLY A 228 -9.42 15.33 -17.25
C GLY A 228 -9.41 16.51 -18.22
N ALA A 229 -8.81 16.32 -19.39
CA ALA A 229 -8.79 17.33 -20.47
C ALA A 229 -10.10 17.43 -21.30
N SER A 230 -10.81 16.30 -21.49
CA SER A 230 -11.99 16.26 -22.35
C SER A 230 -13.24 16.81 -21.65
N THR A 231 -14.36 16.79 -22.38
CA THR A 231 -15.66 17.30 -21.90
C THR A 231 -16.17 16.50 -20.71
N ALA A 232 -16.36 15.21 -20.91
CA ALA A 232 -16.79 14.37 -19.80
C ALA A 232 -15.82 14.47 -18.62
N GLY A 233 -14.53 14.62 -18.93
CA GLY A 233 -13.48 14.75 -17.93
C GLY A 233 -13.42 16.09 -17.22
N ARG A 234 -13.20 17.19 -17.95
CA ARG A 234 -13.21 18.54 -17.35
C ARG A 234 -14.42 18.74 -16.46
N ALA A 235 -15.56 18.27 -16.95
CA ALA A 235 -16.80 18.25 -16.19
C ALA A 235 -16.63 17.59 -14.80
N PHE A 236 -16.01 16.40 -14.81
CA PHE A 236 -15.73 15.57 -13.62
C PHE A 236 -14.79 16.24 -12.63
N ALA A 237 -13.74 16.85 -13.16
CA ALA A 237 -12.80 17.62 -12.38
C ALA A 237 -13.52 18.80 -11.71
N SER A 238 -14.32 19.53 -12.49
CA SER A 238 -15.14 20.66 -11.96
C SER A 238 -16.07 20.25 -10.82
N ARG A 239 -16.54 19.02 -10.90
CA ARG A 239 -17.48 18.49 -9.97
C ARG A 239 -16.87 18.06 -8.62
N HIS A 240 -15.72 17.35 -8.71
CA HIS A 240 -15.02 16.68 -7.55
C HIS A 240 -13.60 17.16 -7.13
N ALA A 241 -12.83 17.73 -8.06
CA ALA A 241 -11.40 17.97 -7.82
C ALA A 241 -11.14 19.24 -7.00
N GLU A 242 -10.14 19.15 -6.12
CA GLU A 242 -9.60 20.32 -5.39
C GLU A 242 -8.49 21.01 -6.18
N ALA A 243 -7.76 20.24 -6.99
CA ALA A 243 -6.81 20.82 -7.94
C ALA A 243 -6.83 19.98 -9.19
N THR A 244 -7.02 20.60 -10.36
CA THR A 244 -6.99 19.85 -11.60
C THR A 244 -5.64 20.01 -12.23
N LEU A 245 -5.17 18.93 -12.83
CA LEU A 245 -3.86 18.87 -13.44
C LEU A 245 -4.12 19.08 -14.91
N VAL A 246 -3.60 20.19 -15.44
CA VAL A 246 -3.91 20.64 -16.80
C VAL A 246 -2.65 21.00 -17.57
N LEU A 247 -2.75 21.04 -18.90
CA LEU A 247 -1.60 21.32 -19.76
C LEU A 247 -1.89 22.34 -20.84
N CYS A 248 -1.91 23.60 -20.45
CA CYS A 248 -2.09 24.69 -21.41
C CYS A 248 -0.73 25.03 -22.05
N LEU A 249 -0.72 25.40 -23.35
CA LEU A 249 0.55 25.65 -24.09
C LEU A 249 1.09 27.08 -24.02
N THR A 250 0.18 28.06 -24.00
CA THR A 250 0.50 29.47 -23.73
C THR A 250 -0.30 29.93 -22.51
N PRO A 251 0.11 31.02 -21.85
CA PRO A 251 -0.73 31.62 -20.82
C PRO A 251 -2.12 31.97 -21.31
N ASP A 252 -2.23 32.43 -22.55
CA ASP A 252 -3.55 32.71 -23.12
C ASP A 252 -4.40 31.47 -23.31
N SER A 253 -3.75 30.31 -23.46
CA SER A 253 -4.42 29.01 -23.40
C SER A 253 -4.92 28.72 -21.97
N MET A 254 -4.18 29.18 -20.95
CA MET A 254 -4.61 29.07 -19.53
C MET A 254 -5.78 29.98 -19.19
N ARG A 255 -5.80 31.17 -19.78
CA ARG A 255 -6.84 32.16 -19.48
C ARG A 255 -8.19 31.67 -19.96
N VAL A 256 -8.21 31.14 -21.18
CA VAL A 256 -9.40 30.47 -21.74
C VAL A 256 -9.83 29.33 -20.85
N ALA A 257 -8.89 28.44 -20.58
CA ALA A 257 -9.14 27.23 -19.79
C ALA A 257 -9.64 27.54 -18.36
N TYR A 258 -9.18 28.66 -17.79
CA TYR A 258 -9.61 29.10 -16.45
C TYR A 258 -11.08 29.54 -16.44
N LYS A 259 -11.40 30.45 -17.36
CA LYS A 259 -12.75 30.94 -17.61
C LYS A 259 -13.72 29.76 -17.77
N GLN A 260 -13.36 28.82 -18.64
CA GLN A 260 -14.14 27.61 -18.87
C GLN A 260 -14.46 26.88 -17.55
N MET A 261 -13.45 26.65 -16.72
CA MET A 261 -13.62 25.89 -15.46
C MET A 261 -14.50 26.64 -14.45
N GLN A 262 -14.36 27.97 -14.43
CA GLN A 262 -15.17 28.84 -13.57
C GLN A 262 -16.65 28.68 -13.84
N GLU A 263 -17.05 28.64 -15.12
CA GLU A 263 -18.45 28.40 -15.51
C GLU A 263 -18.87 27.03 -15.01
N LEU A 264 -18.03 26.04 -15.30
CA LEU A 264 -18.28 24.64 -14.96
C LEU A 264 -18.46 24.42 -13.46
N LEU A 265 -17.67 25.16 -12.68
CA LEU A 265 -17.78 25.10 -11.24
C LEU A 265 -19.10 25.67 -10.77
N ALA A 266 -19.53 26.80 -11.30
CA ALA A 266 -20.84 27.40 -10.91
C ALA A 266 -22.00 26.45 -11.15
N ALA A 267 -22.05 25.81 -12.33
CA ALA A 267 -23.02 24.73 -12.64
C ALA A 267 -22.90 23.54 -11.68
N ALA A 268 -21.67 23.18 -11.34
CA ALA A 268 -21.39 22.19 -10.29
C ALA A 268 -21.71 22.66 -8.86
N GLY A 269 -22.14 23.92 -8.68
CA GLY A 269 -22.46 24.45 -7.35
C GLY A 269 -21.26 24.66 -6.42
N ARG A 270 -20.23 25.34 -6.93
CA ARG A 270 -18.98 25.54 -6.19
C ARG A 270 -18.36 26.91 -6.45
N ALA A 271 -17.60 27.36 -5.45
CA ALA A 271 -16.99 28.67 -5.47
C ALA A 271 -15.84 28.71 -6.48
N SER A 272 -15.64 29.88 -7.08
CA SER A 272 -14.47 30.15 -7.94
C SER A 272 -13.15 29.62 -7.39
N ASP A 273 -12.96 29.81 -6.09
CA ASP A 273 -11.73 29.46 -5.40
C ASP A 273 -11.71 28.06 -4.77
N ASP A 274 -12.68 27.20 -5.09
CA ASP A 274 -12.71 25.82 -4.56
C ASP A 274 -11.81 24.88 -5.33
N LEU A 275 -11.19 25.34 -6.44
CA LEU A 275 -10.41 24.47 -7.35
C LEU A 275 -9.20 25.19 -8.01
N LEU A 276 -7.99 24.62 -7.85
CA LEU A 276 -6.75 25.20 -8.40
C LEU A 276 -6.38 24.55 -9.72
N MET A 277 -6.20 25.38 -10.75
CA MET A 277 -5.67 24.96 -12.04
C MET A 277 -4.16 24.81 -11.85
N VAL A 278 -3.61 23.61 -12.09
CA VAL A 278 -2.18 23.37 -11.85
C VAL A 278 -1.54 22.92 -13.15
N GLN A 279 -0.51 23.66 -13.58
CA GLN A 279 0.08 23.54 -14.92
C GLN A 279 1.26 22.56 -14.97
N GLY A 280 1.23 21.66 -15.96
CA GLY A 280 2.37 20.81 -16.27
C GLY A 280 3.51 21.69 -16.78
N MET A 281 4.71 21.46 -16.25
CA MET A 281 5.85 22.33 -16.51
C MET A 281 7.16 21.62 -16.23
N SER A 282 8.25 22.16 -16.75
CA SER A 282 9.57 21.72 -16.33
C SER A 282 10.53 22.88 -16.44
N PHE A 283 11.71 22.72 -15.84
CA PHE A 283 12.66 23.81 -15.78
C PHE A 283 14.09 23.34 -15.96
N ILE A 284 14.89 24.23 -16.58
CA ILE A 284 16.34 24.15 -16.59
C ILE A 284 16.80 25.56 -16.21
N VAL A 285 17.93 25.68 -15.54
CA VAL A 285 18.22 26.91 -14.81
C VAL A 285 19.72 27.19 -14.71
N GLY A 286 20.10 28.46 -14.69
CA GLY A 286 21.50 28.88 -14.50
C GLY A 286 21.67 30.29 -13.95
N SER A 287 22.92 30.66 -13.67
CA SER A 287 23.25 32.05 -13.29
C SER A 287 23.07 32.98 -14.49
N THR A 288 23.84 32.73 -15.54
CA THR A 288 23.68 33.46 -16.79
C THR A 288 22.60 32.77 -17.60
N GLU A 289 22.14 33.46 -18.66
CA GLU A 289 21.26 32.87 -19.67
C GLU A 289 21.99 31.76 -20.43
N GLU A 290 23.29 31.96 -20.65
CA GLU A 290 24.12 31.00 -21.38
C GLU A 290 24.29 29.65 -20.67
N GLU A 291 24.40 29.65 -19.33
CA GLU A 291 24.55 28.39 -18.58
C GLU A 291 23.32 27.50 -18.74
N ALA A 292 22.14 28.11 -18.80
CA ALA A 292 20.87 27.37 -18.86
C ALA A 292 20.57 26.83 -20.26
N ARG A 293 20.81 27.65 -21.29
CA ARG A 293 20.78 27.18 -22.68
C ARG A 293 21.67 25.93 -22.82
N ARG A 294 22.91 26.09 -22.36
CA ARG A 294 23.98 25.09 -22.46
C ARG A 294 23.72 23.84 -21.58
N LYS A 295 22.94 23.99 -20.52
CA LYS A 295 22.37 22.83 -19.80
C LYS A 295 21.39 22.04 -20.65
N ALA A 296 20.50 22.74 -21.34
CA ALA A 296 19.47 22.10 -22.16
C ALA A 296 20.07 21.33 -23.33
N GLU A 297 21.10 21.90 -23.96
CA GLU A 297 21.97 21.16 -24.92
C GLU A 297 22.37 19.78 -24.37
N GLU A 298 23.02 19.81 -23.20
CA GLU A 298 23.52 18.62 -22.51
C GLU A 298 22.37 17.62 -22.33
N GLN A 299 21.26 18.08 -21.77
CA GLN A 299 20.15 17.21 -21.39
C GLN A 299 19.42 16.71 -22.62
N ASP A 300 19.22 17.58 -23.61
CA ASP A 300 18.48 17.21 -24.84
C ASP A 300 19.21 16.25 -25.78
N GLN A 301 20.52 15.99 -25.56
CA GLN A 301 21.22 14.91 -26.30
C GLN A 301 20.51 13.60 -26.11
N TYR A 302 20.29 13.25 -24.84
CA TYR A 302 19.84 11.91 -24.42
C TYR A 302 18.34 11.70 -24.72
N LEU A 303 17.65 12.79 -25.08
CA LEU A 303 16.31 12.77 -25.68
C LEU A 303 16.18 11.90 -26.96
N ASP A 304 15.59 10.70 -26.80
CA ASP A 304 15.28 9.78 -27.92
C ASP A 304 14.02 10.30 -28.61
N VAL A 305 14.10 10.44 -29.93
CA VAL A 305 12.96 10.87 -30.75
C VAL A 305 11.99 9.69 -31.04
N ASP A 306 12.52 8.51 -31.35
CA ASP A 306 11.70 7.31 -31.66
C ASP A 306 10.84 6.82 -30.51
N ALA A 307 11.33 7.03 -29.28
CA ALA A 307 10.61 6.62 -28.09
C ALA A 307 9.61 7.70 -27.66
N LEU A 308 9.92 8.96 -27.95
CA LEU A 308 8.95 10.04 -27.82
C LEU A 308 7.77 9.81 -28.78
N ALA A 309 8.05 9.38 -30.01
CA ALA A 309 7.01 8.95 -30.96
C ALA A 309 6.20 7.71 -30.48
N ALA A 310 6.81 6.82 -29.69
CA ALA A 310 6.14 5.64 -29.14
C ALA A 310 5.12 5.94 -28.03
N ARG A 311 5.30 7.07 -27.33
CA ARG A 311 4.36 7.52 -26.29
C ARG A 311 3.30 8.46 -26.87
N VAL A 312 3.69 9.28 -27.86
CA VAL A 312 2.75 10.06 -28.67
C VAL A 312 1.84 9.14 -29.50
N SER A 313 2.43 8.14 -30.18
CA SER A 313 1.67 7.24 -31.08
C SER A 313 0.69 6.29 -30.36
N ARG A 314 0.86 6.06 -29.05
CA ARG A 314 -0.20 5.42 -28.24
C ARG A 314 -1.34 6.39 -27.99
N ASP A 315 -1.01 7.58 -27.49
CA ASP A 315 -2.01 8.57 -27.08
C ASP A 315 -2.83 9.07 -28.27
N LEU A 316 -2.24 9.94 -29.10
CA LEU A 316 -2.89 10.45 -30.32
C LEU A 316 -3.41 9.36 -31.31
N GLY A 317 -2.71 8.22 -31.38
CA GLY A 317 -3.00 7.15 -32.33
C GLY A 317 -2.01 7.18 -33.50
N VAL A 318 -1.91 8.35 -34.15
CA VAL A 318 -1.03 8.58 -35.33
C VAL A 318 0.43 8.12 -35.16
N ASP A 319 0.83 7.22 -36.06
CA ASP A 319 2.03 6.38 -35.91
C ASP A 319 3.24 7.01 -36.63
N LEU A 320 3.76 8.09 -36.04
CA LEU A 320 4.86 8.88 -36.64
C LEU A 320 6.14 8.06 -36.71
N SER A 321 6.45 7.55 -37.90
CA SER A 321 7.63 6.70 -38.16
C SER A 321 8.42 7.25 -39.34
N LYS A 354 8.31 21.83 -34.57
CA LYS A 354 9.20 20.68 -34.81
C LYS A 354 8.89 19.43 -33.95
N VAL A 355 9.28 18.25 -34.44
CA VAL A 355 9.04 16.94 -33.76
C VAL A 355 9.63 16.87 -32.33
N LYS A 356 10.79 17.52 -32.15
CA LYS A 356 11.46 17.60 -30.83
C LYS A 356 10.73 18.45 -29.79
N ASP A 357 9.71 19.22 -30.21
CA ASP A 357 8.91 20.03 -29.31
C ASP A 357 7.77 19.26 -28.67
N LEU A 358 7.46 18.06 -29.19
CA LEU A 358 6.34 17.23 -28.68
C LEU A 358 6.32 16.92 -27.17
N PRO A 359 7.48 16.97 -26.48
CA PRO A 359 7.34 16.88 -25.03
C PRO A 359 6.57 18.07 -24.42
N LEU A 360 6.30 19.12 -25.21
CA LEU A 360 5.40 20.25 -24.84
C LEU A 360 3.89 19.91 -24.79
N LEU A 361 3.51 18.69 -25.19
CA LEU A 361 2.19 18.14 -24.85
C LEU A 361 2.15 17.52 -23.44
N TYR A 362 3.29 17.43 -22.77
CA TYR A 362 3.40 16.84 -21.43
C TYR A 362 3.91 17.79 -20.35
N SER A 363 4.83 18.69 -20.69
CA SER A 363 5.15 19.83 -19.82
C SER A 363 5.72 21.00 -20.60
N ILE A 364 5.33 22.22 -20.25
CA ILE A 364 5.94 23.42 -20.83
C ILE A 364 7.27 23.68 -20.13
N ARG A 365 8.37 23.45 -20.85
CA ARG A 365 9.69 23.71 -20.29
C ARG A 365 9.97 25.22 -20.34
N ILE A 366 10.66 25.69 -19.32
CA ILE A 366 11.11 27.08 -19.25
C ILE A 366 12.60 26.98 -18.90
N VAL A 367 13.43 27.55 -19.76
CA VAL A 367 14.87 27.59 -19.57
C VAL A 367 15.25 29.02 -19.30
N GLY A 368 16.17 29.24 -18.38
CA GLY A 368 16.69 30.58 -18.11
C GLY A 368 17.20 30.76 -16.70
N THR A 369 17.30 32.04 -16.29
CA THR A 369 17.74 32.42 -14.95
C THR A 369 16.59 32.35 -13.97
N PRO A 370 16.87 32.45 -12.66
CA PRO A 370 15.74 32.51 -11.76
C PRO A 370 14.82 33.70 -12.05
N GLU A 371 15.42 34.83 -12.39
CA GLU A 371 14.67 36.06 -12.66
C GLU A 371 13.75 35.84 -13.86
N THR A 372 14.34 35.35 -14.96
CA THR A 372 13.60 34.92 -16.15
C THR A 372 12.43 33.98 -15.86
N ILE A 373 12.70 32.94 -15.08
CA ILE A 373 11.72 31.89 -14.86
C ILE A 373 10.60 32.43 -14.01
N ALA A 374 10.96 33.15 -12.94
CA ALA A 374 9.97 33.84 -12.12
C ALA A 374 9.14 34.87 -12.93
N ASP A 375 9.83 35.71 -13.71
CA ASP A 375 9.19 36.68 -14.61
C ASP A 375 8.14 36.01 -15.48
N GLU A 376 8.48 34.84 -16.03
CA GLU A 376 7.58 34.13 -16.94
C GLU A 376 6.43 33.44 -16.23
N LEU A 377 6.70 32.91 -15.03
CA LEU A 377 5.68 32.26 -14.22
C LEU A 377 4.62 33.24 -13.76
N THR A 378 5.02 34.50 -13.56
CA THR A 378 4.08 35.56 -13.17
C THR A 378 3.00 35.73 -14.24
N GLU A 379 3.38 35.69 -15.52
CA GLU A 379 2.39 35.71 -16.60
C GLU A 379 1.37 34.59 -16.43
N TRP A 380 1.86 33.37 -16.19
CA TRP A 380 1.00 32.18 -16.00
C TRP A 380 0.09 32.34 -14.80
N ARG A 381 0.65 32.73 -13.65
CA ARG A 381 -0.17 32.91 -12.46
C ARG A 381 -1.23 34.00 -12.70
N ASP A 382 -0.88 35.05 -13.44
CA ASP A 382 -1.84 36.09 -13.81
C ASP A 382 -2.87 35.58 -14.76
N ALA A 383 -2.49 34.72 -15.70
CA ALA A 383 -3.48 34.03 -16.55
C ALA A 383 -4.43 33.05 -15.82
N GLY A 384 -4.18 32.76 -14.54
CA GLY A 384 -5.02 31.88 -13.73
C GLY A 384 -4.35 30.63 -13.13
N MET A 385 -3.06 30.44 -13.37
CA MET A 385 -2.35 29.29 -12.83
C MET A 385 -2.32 29.37 -11.32
N GLY A 386 -2.89 28.38 -10.65
CA GLY A 386 -2.84 28.28 -9.19
C GLY A 386 -1.66 27.49 -8.66
N GLY A 387 -1.04 26.70 -9.54
CA GLY A 387 0.03 25.80 -9.12
C GLY A 387 0.88 25.29 -10.27
N ILE A 388 2.06 24.78 -9.92
CA ILE A 388 3.00 24.19 -10.87
C ILE A 388 3.01 22.69 -10.62
N ASN A 389 2.85 21.91 -11.67
CA ASN A 389 2.87 20.45 -11.63
C ASN A 389 4.18 20.09 -12.35
N MET A 390 5.25 20.08 -11.56
CA MET A 390 6.63 20.05 -12.06
C MET A 390 7.13 18.64 -12.31
N ALA A 391 7.51 18.39 -13.56
CA ALA A 391 8.16 17.14 -13.98
C ALA A 391 9.70 17.30 -14.06
N ALA A 392 10.36 16.14 -14.17
CA ALA A 392 11.83 16.05 -14.18
C ALA A 392 12.41 15.51 -15.52
N GLN A 393 13.44 16.21 -16.01
CA GLN A 393 14.21 15.78 -17.17
C GLN A 393 15.29 14.82 -16.69
N MET A 394 16.03 15.27 -15.68
CA MET A 394 16.87 14.41 -14.85
C MET A 394 16.34 14.47 -13.41
N LEU A 395 16.45 13.35 -12.69
CA LEU A 395 16.38 13.38 -11.21
C LEU A 395 17.72 12.91 -10.60
N PRO A 396 18.16 13.50 -9.48
CA PRO A 396 17.46 14.57 -8.75
C PRO A 396 17.83 15.98 -9.20
N GLY A 397 18.46 16.12 -10.38
CA GLY A 397 18.97 17.39 -10.88
C GLY A 397 17.93 18.49 -11.06
N THR A 398 16.90 18.21 -11.85
CA THR A 398 15.85 19.20 -12.08
C THR A 398 15.30 19.66 -10.74
N ASP A 399 14.84 18.70 -9.93
CA ASP A 399 14.30 18.92 -8.58
C ASP A 399 15.27 19.68 -7.69
N ALA A 400 16.52 19.26 -7.65
CA ALA A 400 17.51 20.00 -6.88
C ALA A 400 17.59 21.44 -7.41
N ASP A 401 18.02 21.60 -8.65
CA ASP A 401 18.21 22.91 -9.28
C ASP A 401 17.01 23.85 -9.11
N PHE A 402 15.77 23.35 -9.20
CA PHE A 402 14.58 24.21 -9.04
C PHE A 402 14.47 24.67 -7.60
N VAL A 403 14.75 23.79 -6.65
CA VAL A 403 14.74 24.15 -5.23
C VAL A 403 15.90 25.11 -4.90
N ASP A 404 17.10 24.72 -5.38
CA ASP A 404 18.35 25.46 -5.16
C ASP A 404 18.19 26.88 -5.73
N TYR A 405 17.91 27.01 -7.02
CA TYR A 405 17.96 28.31 -7.71
C TYR A 405 16.63 29.09 -7.83
N VAL A 406 15.52 28.39 -8.13
CA VAL A 406 14.22 29.08 -8.44
C VAL A 406 13.39 29.37 -7.19
N VAL A 407 13.26 28.40 -6.29
CA VAL A 407 12.44 28.55 -5.08
C VAL A 407 12.83 29.81 -4.24
N PRO A 408 14.14 30.06 -4.03
CA PRO A 408 14.45 31.31 -3.31
C PRO A 408 13.97 32.58 -4.05
N GLU A 409 14.11 32.61 -5.37
CA GLU A 409 13.62 33.75 -6.15
C GLU A 409 12.13 33.95 -5.92
N LEU A 410 11.37 32.87 -6.05
CA LEU A 410 9.91 32.96 -5.95
C LEU A 410 9.46 33.34 -4.54
N GLN A 411 10.21 32.84 -3.55
CA GLN A 411 10.04 33.22 -2.13
C GLN A 411 10.29 34.69 -1.83
N ARG A 412 11.30 35.26 -2.50
CA ARG A 412 11.61 36.71 -2.45
C ARG A 412 10.51 37.55 -3.06
N ARG A 413 9.92 37.07 -4.14
CA ARG A 413 8.81 37.78 -4.78
C ARG A 413 7.44 37.50 -4.11
N GLY A 414 7.42 36.71 -3.04
CA GLY A 414 6.17 36.39 -2.35
C GLY A 414 5.26 35.49 -3.16
N MET A 415 5.86 34.70 -4.05
CA MET A 415 5.12 33.77 -4.91
C MET A 415 5.15 32.33 -4.38
N VAL A 416 6.12 31.99 -3.53
CA VAL A 416 6.24 30.65 -2.94
C VAL A 416 6.44 30.78 -1.45
N GLN A 417 5.72 29.99 -0.67
CA GLN A 417 5.79 30.03 0.80
C GLN A 417 7.21 29.95 1.38
N HIS A 418 7.39 30.62 2.52
CA HIS A 418 8.66 30.65 3.29
C HIS A 418 8.78 29.47 4.24
N GLU A 419 7.63 28.94 4.66
CA GLU A 419 7.52 27.95 5.73
C GLU A 419 6.20 27.23 5.62
N TYR A 420 6.13 26.01 6.12
CA TYR A 420 4.91 25.24 6.00
C TYR A 420 3.86 25.77 6.97
N ARG A 421 2.59 25.86 6.56
CA ARG A 421 1.49 26.07 7.52
C ARG A 421 1.21 24.75 8.22
N PRO A 422 0.84 24.78 9.51
CA PRO A 422 0.50 23.52 10.20
C PRO A 422 -0.81 22.90 9.73
N GLY A 423 -0.95 21.59 9.93
CA GLY A 423 -2.18 20.87 9.59
C GLY A 423 -2.15 20.09 8.28
N THR A 424 -3.33 19.59 7.91
CA THR A 424 -3.49 18.64 6.82
C THR A 424 -3.16 19.25 5.47
N LEU A 425 -2.95 18.40 4.47
CA LEU A 425 -2.67 18.88 3.13
C LEU A 425 -3.80 19.79 2.65
N ARG A 426 -5.06 19.43 2.89
CA ARG A 426 -6.18 20.34 2.58
C ARG A 426 -5.98 21.71 3.26
N GLU A 427 -5.75 21.68 4.58
CA GLU A 427 -5.56 22.88 5.39
C GLU A 427 -4.43 23.74 4.87
N LYS A 428 -3.40 23.10 4.31
CA LYS A 428 -2.27 23.79 3.68
C LYS A 428 -2.66 24.45 2.37
N VAL A 429 -3.23 23.70 1.44
CA VAL A 429 -3.53 24.26 0.13
C VAL A 429 -4.56 25.39 0.22
N PHE A 430 -5.53 25.28 1.14
CA PHE A 430 -6.59 26.27 1.31
C PHE A 430 -6.57 26.89 2.71
N PRO A 431 -5.70 27.91 2.95
CA PRO A 431 -5.42 28.51 4.27
C PRO A 431 -6.55 28.70 5.30
N GLY A 432 -7.64 29.35 4.95
CA GLY A 432 -8.68 29.55 5.99
C GLY A 432 -9.39 28.30 6.50
N ARG A 433 -9.29 27.21 5.73
CA ARG A 433 -10.32 26.20 5.69
C ARG A 433 -10.12 25.12 6.71
N ASP A 434 -11.18 24.35 6.89
CA ASP A 434 -11.25 23.22 7.79
C ASP A 434 -10.51 22.03 7.19
N ARG A 435 -10.08 21.11 8.05
CA ARG A 435 -9.50 19.84 7.60
C ARG A 435 -10.42 18.99 6.70
N LEU A 436 -11.75 19.14 6.86
CA LEU A 436 -12.73 18.45 6.00
C LEU A 436 -13.13 19.31 4.84
N LEU A 437 -13.60 18.66 3.79
CA LEU A 437 -14.07 19.35 2.57
C LEU A 437 -15.28 20.23 2.86
N ASN A 438 -15.40 21.29 2.06
CA ASN A 438 -16.46 22.28 2.26
C ASN A 438 -17.83 21.69 2.00
N GLU A 439 -18.84 22.40 2.51
CA GLU A 439 -20.23 21.98 2.37
C GLU A 439 -20.67 22.02 0.90
N ARG A 440 -20.00 22.84 0.09
CA ARG A 440 -20.27 22.89 -1.33
C ARG A 440 -19.88 21.63 -2.09
N HIS A 441 -18.94 20.82 -1.54
CA HIS A 441 -18.35 19.70 -2.28
C HIS A 441 -19.20 18.42 -2.16
N PRO A 442 -19.28 17.62 -3.26
CA PRO A 442 -20.14 16.43 -3.26
C PRO A 442 -19.98 15.57 -2.06
N ALA A 443 -18.75 15.43 -1.58
CA ALA A 443 -18.50 14.61 -0.39
C ALA A 443 -19.40 15.06 0.76
N SER A 444 -19.40 16.36 1.07
CA SER A 444 -20.14 16.89 2.25
C SER A 444 -21.55 16.34 2.33
N ARG A 445 -22.19 16.31 1.16
CA ARG A 445 -23.54 15.78 0.97
C ARG A 445 -23.77 14.38 1.52
N TYR A 446 -22.74 13.56 1.72
CA TYR A 446 -22.93 12.21 2.28
C TYR A 446 -22.88 12.22 3.80
N ARG A 447 -22.46 13.33 4.41
CA ARG A 447 -22.25 13.33 5.86
C ARG A 447 -23.54 13.07 6.60
N GLY A 448 -23.58 11.89 7.24
CA GLY A 448 -24.75 11.37 7.94
C GLY A 448 -26.02 11.37 7.13
N ILE A 449 -26.00 10.72 5.96
CA ILE A 449 -27.27 10.45 5.29
C ILE A 449 -27.91 9.27 6.01
N PHE A 450 -27.09 8.36 6.55
CA PHE A 450 -27.60 7.13 7.17
C PHE A 450 -27.92 7.28 8.67
N SER A 451 -27.58 8.41 9.27
CA SER A 451 -28.13 8.74 10.59
C SER A 451 -29.62 9.01 10.47
N MET B 1 19.20 -26.56 7.81
CA MET B 1 20.13 -26.24 8.92
C MET B 1 19.66 -25.06 9.82
N ARG B 2 18.39 -24.59 9.72
CA ARG B 2 17.89 -23.55 10.68
C ARG B 2 17.71 -24.18 12.08
N ASP B 3 18.65 -23.84 12.95
CA ASP B 3 18.79 -24.46 14.28
C ASP B 3 18.34 -23.57 15.43
N THR B 4 17.95 -22.34 15.15
CA THR B 4 17.29 -21.48 16.15
C THR B 4 15.77 -21.44 15.85
N LEU B 5 14.92 -21.11 16.82
CA LEU B 5 13.49 -20.85 16.53
C LEU B 5 13.28 -19.56 15.72
N VAL B 6 12.23 -19.57 14.87
CA VAL B 6 11.72 -18.35 14.21
C VAL B 6 10.84 -17.58 15.18
N LEU B 7 10.98 -16.26 15.26
CA LEU B 7 10.08 -15.47 16.07
C LEU B 7 9.27 -14.55 15.16
N ASN B 8 7.95 -14.73 15.19
CA ASN B 8 7.03 -13.92 14.43
C ASN B 8 6.06 -13.31 15.43
N ALA B 9 6.01 -11.98 15.50
CA ALA B 9 4.95 -11.31 16.27
C ALA B 9 3.64 -11.36 15.49
N PHE B 10 2.53 -11.48 16.19
CA PHE B 10 1.25 -11.76 15.57
C PHE B 10 0.25 -10.73 16.02
N HIS B 11 0.35 -9.55 15.39
CA HIS B 11 -0.46 -8.36 15.70
C HIS B 11 -1.41 -8.06 14.56
N MET B 12 -2.17 -6.98 14.67
CA MET B 12 -3.19 -6.67 13.67
C MET B 12 -3.50 -5.19 13.74
N ASN B 13 -3.70 -4.54 12.60
CA ASN B 13 -3.81 -3.07 12.60
C ASN B 13 -5.17 -2.56 13.18
N THR B 14 -5.49 -2.96 14.41
CA THR B 14 -6.78 -2.71 15.05
C THR B 14 -6.53 -2.39 16.54
N VAL B 15 -7.57 -1.97 17.26
CA VAL B 15 -7.42 -1.58 18.66
C VAL B 15 -7.30 -2.80 19.57
N CYS B 16 -8.03 -3.86 19.29
CA CYS B 16 -7.95 -5.02 20.17
C CYS B 16 -7.94 -6.28 19.35
N HIS B 17 -6.73 -6.64 18.95
CA HIS B 17 -6.49 -7.87 18.21
C HIS B 17 -6.81 -9.12 19.07
N MET B 18 -6.16 -9.32 20.22
CA MET B 18 -6.01 -10.70 20.72
C MET B 18 -6.58 -11.23 22.05
N TYR B 19 -6.66 -10.44 23.09
CA TYR B 19 -7.21 -10.91 24.36
C TYR B 19 -8.41 -10.05 24.74
N ASP B 20 -9.41 -10.17 23.87
CA ASP B 20 -10.67 -9.39 23.86
C ASP B 20 -11.08 -8.59 25.11
N GLY B 21 -11.43 -7.32 24.89
CA GLY B 21 -11.63 -6.33 25.96
C GLY B 21 -10.37 -5.71 26.54
N GLY B 22 -9.19 -6.24 26.17
CA GLY B 22 -7.93 -5.87 26.76
C GLY B 22 -7.42 -4.47 26.48
N TRP B 23 -8.02 -3.81 25.49
CA TRP B 23 -7.80 -2.38 25.24
C TRP B 23 -8.10 -1.51 26.44
N ARG B 24 -8.97 -2.00 27.33
CA ARG B 24 -9.38 -1.28 28.53
C ARG B 24 -8.31 -1.20 29.59
N ASN B 25 -7.39 -2.14 29.62
CA ASN B 25 -6.26 -2.07 30.58
C ASN B 25 -5.62 -0.65 30.53
N PRO B 26 -5.66 0.10 31.64
CA PRO B 26 -4.96 1.39 31.71
C PRO B 26 -3.48 1.34 31.30
N ALA B 27 -2.84 0.19 31.51
CA ALA B 27 -1.45 -0.04 31.10
C ALA B 27 -1.29 -0.16 29.59
N ASP B 28 -2.33 -0.60 28.91
CA ASP B 28 -2.31 -0.81 27.46
C ASP B 28 -2.26 0.48 26.65
N ARG B 29 -1.73 0.38 25.44
CA ARG B 29 -1.73 1.49 24.49
C ARG B 29 -2.21 1.11 23.06
N GLN B 30 -2.84 -0.04 22.88
CA GLN B 30 -3.36 -0.45 21.55
C GLN B 30 -4.40 0.54 21.00
N VAL B 31 -5.04 1.32 21.88
CA VAL B 31 -5.88 2.47 21.45
C VAL B 31 -5.17 3.50 20.57
N GLU B 32 -3.84 3.51 20.58
CA GLU B 32 -3.01 4.34 19.69
C GLU B 32 -2.71 3.72 18.31
N PHE B 33 -3.37 2.61 17.94
CA PHE B 33 -3.03 1.83 16.72
C PHE B 33 -3.09 2.64 15.42
N ALA B 34 -3.94 3.67 15.41
CA ALA B 34 -4.21 4.39 14.18
C ALA B 34 -2.97 5.15 13.66
N THR B 35 -2.09 5.52 14.60
CA THR B 35 -0.87 6.31 14.37
C THR B 35 0.36 5.42 14.10
N LEU B 36 1.32 5.96 13.34
CA LEU B 36 2.55 5.22 13.00
C LEU B 36 3.51 5.09 14.17
N GLU B 37 3.35 5.94 15.17
CA GLU B 37 4.33 6.06 16.24
C GLU B 37 4.20 4.92 17.23
N PHE B 38 2.96 4.48 17.46
CA PHE B 38 2.71 3.31 18.30
C PHE B 38 3.41 2.08 17.73
N TRP B 39 3.18 1.87 16.44
CA TRP B 39 3.76 0.74 15.70
C TRP B 39 5.27 0.87 15.46
N LYS B 40 5.80 2.10 15.42
CA LYS B 40 7.26 2.26 15.35
C LYS B 40 7.91 1.69 16.62
N GLU B 41 7.35 2.00 17.79
CA GLU B 41 7.86 1.47 19.07
C GLU B 41 7.70 -0.07 19.20
N VAL B 42 6.62 -0.62 18.62
CA VAL B 42 6.35 -2.07 18.64
C VAL B 42 7.31 -2.80 17.73
N ALA B 43 7.47 -2.28 16.51
CA ALA B 43 8.44 -2.80 15.54
C ALA B 43 9.87 -2.79 16.09
N GLN B 44 10.32 -1.65 16.64
CA GLN B 44 11.73 -1.51 17.07
C GLN B 44 12.08 -2.42 18.26
N THR B 45 11.14 -2.56 19.20
CA THR B 45 11.27 -3.48 20.35
C THR B 45 11.42 -4.91 19.84
N LEU B 46 10.69 -5.25 18.78
CA LEU B 46 10.78 -6.60 18.23
C LEU B 46 12.15 -6.88 17.62
N GLU B 47 12.72 -5.89 16.92
CA GLU B 47 14.06 -6.04 16.28
C GLU B 47 15.16 -6.10 17.31
N ARG B 48 14.96 -5.41 18.42
CA ARG B 48 15.85 -5.52 19.58
C ARG B 48 15.82 -6.94 20.20
N GLY B 49 14.64 -7.56 20.19
CA GLY B 49 14.53 -9.00 20.40
C GLY B 49 15.01 -9.94 19.29
N PHE B 50 15.53 -9.42 18.17
CA PHE B 50 15.95 -10.19 16.97
C PHE B 50 14.86 -11.06 16.32
N PHE B 51 13.61 -10.62 16.45
CA PHE B 51 12.49 -11.30 15.82
C PHE B 51 12.80 -11.40 14.34
N ASP B 52 12.53 -12.56 13.78
CA ASP B 52 12.52 -12.71 12.33
C ASP B 52 11.47 -11.85 11.59
N SER B 53 10.23 -11.85 12.08
CA SER B 53 9.20 -11.06 11.45
C SER B 53 8.15 -10.51 12.39
N LEU B 54 7.50 -9.47 11.89
CA LEU B 54 6.29 -8.92 12.48
C LEU B 54 5.22 -9.21 11.48
N PHE B 55 4.06 -9.72 11.92
CA PHE B 55 2.98 -10.14 11.01
C PHE B 55 1.63 -9.45 11.31
N PHE B 56 1.10 -8.76 10.30
CA PHE B 56 -0.19 -8.09 10.40
C PHE B 56 -1.33 -8.84 9.71
N ALA B 57 -2.15 -9.48 10.54
CA ALA B 57 -3.52 -9.86 10.14
C ALA B 57 -4.38 -8.69 9.60
N ASP B 58 -5.53 -9.04 9.03
CA ASP B 58 -6.34 -8.09 8.27
C ASP B 58 -7.59 -8.79 7.81
N VAL B 59 -8.74 -8.22 8.15
CA VAL B 59 -10.01 -8.66 7.58
C VAL B 59 -10.46 -7.52 6.70
N MET B 60 -11.35 -7.83 5.77
CA MET B 60 -12.02 -6.82 4.96
C MET B 60 -13.54 -6.68 5.27
N GLY B 61 -13.96 -7.08 6.47
CA GLY B 61 -15.36 -7.00 6.88
C GLY B 61 -15.52 -7.33 8.36
N THR B 62 -16.45 -6.62 9.00
CA THR B 62 -16.99 -6.99 10.32
C THR B 62 -18.36 -7.60 10.10
N ASP B 63 -18.78 -8.51 10.96
CA ASP B 63 -20.07 -9.18 10.77
C ASP B 63 -20.99 -9.09 11.97
N ALA B 64 -22.27 -9.35 11.69
CA ALA B 64 -23.38 -9.28 12.64
C ALA B 64 -23.50 -10.39 13.72
N ALA B 65 -22.87 -11.56 13.48
CA ALA B 65 -23.27 -12.85 14.11
C ALA B 65 -23.02 -12.98 15.62
N TYR B 66 -23.86 -12.30 16.40
CA TYR B 66 -23.92 -12.45 17.85
C TYR B 66 -25.33 -12.09 18.38
N GLY B 67 -26.35 -12.64 17.73
CA GLY B 67 -27.73 -12.42 18.17
C GLY B 67 -28.31 -11.11 17.64
N ASP B 68 -28.98 -10.38 18.54
CA ASP B 68 -29.85 -9.24 18.19
C ASP B 68 -29.16 -8.21 17.29
N SER B 69 -28.17 -7.49 17.83
CA SER B 69 -27.51 -6.40 17.12
C SER B 69 -26.00 -6.58 17.06
N TRP B 70 -25.35 -5.69 16.31
CA TRP B 70 -23.90 -5.72 16.08
C TRP B 70 -23.15 -4.78 17.07
N ASP B 71 -23.82 -4.33 18.13
CA ASP B 71 -23.26 -3.30 19.03
C ASP B 71 -21.98 -3.65 19.77
N ILE B 72 -21.83 -4.90 20.19
CA ILE B 72 -20.70 -5.28 21.05
C ILE B 72 -19.35 -5.33 20.29
N TYR B 73 -19.41 -5.36 18.96
CA TYR B 73 -18.21 -5.34 18.08
C TYR B 73 -17.61 -3.92 17.93
N ALA B 74 -18.44 -2.89 18.04
CA ALA B 74 -17.98 -1.49 18.11
C ALA B 74 -17.46 -1.13 19.50
N GLU B 75 -18.28 -1.40 20.50
CA GLU B 75 -18.01 -0.98 21.88
C GLU B 75 -16.77 -1.66 22.46
N GLN B 76 -16.55 -2.93 22.14
CA GLN B 76 -15.36 -3.64 22.65
C GLN B 76 -14.23 -3.89 21.62
N GLY B 77 -14.35 -3.25 20.45
CA GLY B 77 -13.25 -3.17 19.47
C GLY B 77 -12.90 -4.48 18.80
N ILE B 78 -13.92 -5.30 18.54
CA ILE B 78 -13.72 -6.68 18.15
C ILE B 78 -13.36 -6.73 16.68
N HIS B 79 -12.05 -6.68 16.41
CA HIS B 79 -11.50 -6.75 15.07
C HIS B 79 -12.25 -5.74 14.19
N PHE B 80 -12.41 -4.53 14.76
CA PHE B 80 -13.12 -3.36 14.18
C PHE B 80 -12.95 -2.15 15.14
N PRO B 81 -12.45 -1.00 14.67
CA PRO B 81 -12.05 -0.74 13.28
C PRO B 81 -10.87 -1.60 12.82
N MET B 82 -10.66 -1.61 11.50
CA MET B 82 -9.67 -2.50 10.88
C MET B 82 -8.97 -1.68 9.82
N HIS B 83 -7.65 -1.52 9.95
CA HIS B 83 -6.86 -0.71 9.00
C HIS B 83 -5.94 -1.63 8.17
N ASP B 84 -5.69 -1.19 6.94
CA ASP B 84 -4.93 -1.95 5.97
C ASP B 84 -3.49 -2.19 6.40
N ALA B 85 -3.13 -3.46 6.62
CA ALA B 85 -1.74 -3.89 6.92
C ALA B 85 -0.67 -3.57 5.86
N ALA B 86 -1.04 -3.68 4.58
CA ALA B 86 -0.12 -3.38 3.46
C ALA B 86 0.53 -2.01 3.61
N SER B 87 -0.31 -1.01 3.74
CA SER B 87 0.12 0.37 3.92
C SER B 87 1.05 0.51 5.10
N LEU B 88 0.74 -0.13 6.22
CA LEU B 88 1.55 0.02 7.42
C LEU B 88 2.91 -0.69 7.30
N VAL B 89 2.92 -1.85 6.66
CA VAL B 89 4.17 -2.53 6.42
C VAL B 89 5.07 -1.59 5.64
N ALA B 90 4.52 -0.95 4.59
CA ALA B 90 5.29 0.01 3.75
C ALA B 90 5.78 1.22 4.54
N ALA B 91 4.97 1.72 5.46
CA ALA B 91 5.36 2.81 6.35
C ALA B 91 6.34 2.45 7.50
N LEU B 92 6.53 1.16 7.77
CA LEU B 92 7.56 0.73 8.75
C LEU B 92 8.89 0.36 8.10
N ILE B 93 8.90 0.14 6.78
CA ILE B 93 10.15 -0.10 6.04
C ILE B 93 11.30 0.77 6.57
N PRO B 94 11.14 2.12 6.64
CA PRO B 94 12.26 2.99 7.10
C PRO B 94 12.66 2.88 8.57
N HIS B 95 11.72 2.54 9.45
CA HIS B 95 11.97 2.39 10.89
C HIS B 95 12.46 0.98 11.28
N THR B 96 12.73 0.13 10.30
CA THR B 96 13.29 -1.21 10.55
C THR B 96 14.44 -1.48 9.57
N GLU B 97 15.35 -2.38 9.91
CA GLU B 97 16.49 -2.70 9.02
C GLU B 97 16.52 -4.18 8.57
N HIS B 98 16.44 -5.09 9.53
CA HIS B 98 16.43 -6.52 9.26
C HIS B 98 15.09 -7.21 9.56
N LEU B 99 14.21 -6.56 10.35
CA LEU B 99 12.94 -7.19 10.76
C LEU B 99 12.07 -7.47 9.53
N GLY B 100 11.62 -8.72 9.40
CA GLY B 100 10.65 -9.11 8.35
C GLY B 100 9.26 -8.52 8.53
N LEU B 101 8.69 -7.98 7.44
CA LEU B 101 7.40 -7.28 7.50
C LEU B 101 6.30 -8.00 6.70
N THR B 102 5.38 -8.62 7.45
CA THR B 102 4.42 -9.60 6.93
C THR B 102 3.02 -9.01 7.08
N PHE B 103 2.12 -9.50 6.23
CA PHE B 103 0.72 -9.08 6.21
C PHE B 103 -0.20 -10.15 5.55
N SER B 104 -1.40 -10.31 6.09
CA SER B 104 -2.42 -11.00 5.37
C SER B 104 -2.99 -10.09 4.29
N SER B 105 -2.94 -10.54 3.05
CA SER B 105 -3.91 -10.09 2.05
C SER B 105 -4.68 -11.33 1.69
N SER B 106 -5.95 -11.13 1.37
CA SER B 106 -6.82 -12.20 0.87
C SER B 106 -7.04 -12.12 -0.63
N VAL B 107 -7.69 -13.16 -1.13
CA VAL B 107 -8.06 -13.29 -2.53
C VAL B 107 -9.14 -12.26 -2.86
N ILE B 108 -10.18 -12.28 -2.03
CA ILE B 108 -11.39 -11.47 -2.17
C ILE B 108 -11.08 -9.92 -2.25
N GLN B 109 -10.07 -9.48 -1.51
CA GLN B 109 -9.78 -8.05 -1.36
C GLN B 109 -8.97 -7.44 -2.48
N ASP B 110 -8.29 -8.26 -3.28
CA ASP B 110 -7.40 -7.71 -4.27
C ASP B 110 -7.05 -8.67 -5.37
N HIS B 111 -7.22 -8.18 -6.60
CA HIS B 111 -6.93 -8.90 -7.84
C HIS B 111 -5.45 -9.35 -7.92
N PRO B 112 -5.15 -10.53 -8.52
CA PRO B 112 -3.77 -11.02 -8.43
C PRO B 112 -2.75 -10.28 -9.25
N PHE B 113 -3.19 -9.41 -10.16
CA PHE B 113 -2.29 -8.46 -10.81
C PHE B 113 -1.86 -7.35 -9.84
N SER B 114 -2.82 -6.54 -9.38
CA SER B 114 -2.50 -5.44 -8.44
C SER B 114 -1.66 -6.00 -7.30
N PHE B 115 -2.22 -6.98 -6.58
CA PHE B 115 -1.52 -7.58 -5.42
C PHE B 115 -0.11 -8.09 -5.75
N ALA B 116 0.06 -8.66 -6.93
CA ALA B 116 1.40 -9.05 -7.36
C ALA B 116 2.27 -7.81 -7.45
N LYS B 117 1.77 -6.76 -8.14
CA LYS B 117 2.54 -5.52 -8.39
C LYS B 117 2.85 -4.73 -7.13
N ARG B 118 1.94 -4.75 -6.15
CA ARG B 118 2.14 -4.12 -4.82
C ARG B 118 3.19 -4.86 -4.02
N ALA B 119 3.09 -6.20 -4.01
CA ALA B 119 4.03 -7.06 -3.29
C ALA B 119 5.45 -6.87 -3.80
N SER B 120 5.64 -7.09 -5.09
CA SER B 120 6.94 -6.92 -5.71
C SER B 120 7.51 -5.53 -5.42
N THR B 121 6.68 -4.49 -5.52
CA THR B 121 7.06 -3.12 -5.15
C THR B 121 7.45 -2.95 -3.66
N LEU B 122 6.61 -3.44 -2.76
CA LEU B 122 6.97 -3.48 -1.36
C LEU B 122 8.27 -4.23 -1.17
N ASP B 123 8.44 -5.35 -1.88
CA ASP B 123 9.65 -6.21 -1.78
C ASP B 123 10.96 -5.55 -2.25
N HIS B 124 10.91 -4.73 -3.30
CA HIS B 124 12.05 -3.87 -3.64
C HIS B 124 12.35 -2.92 -2.49
N LEU B 125 11.31 -2.17 -2.11
CA LEU B 125 11.39 -1.09 -1.13
C LEU B 125 11.86 -1.50 0.26
N SER B 126 11.27 -2.57 0.78
CA SER B 126 11.73 -3.23 2.02
C SER B 126 13.20 -3.75 1.88
N GLY B 127 13.53 -4.32 0.72
CA GLY B 127 14.85 -4.90 0.48
C GLY B 127 14.87 -6.37 0.83
N GLY B 128 13.90 -7.08 0.29
CA GLY B 128 13.79 -8.51 0.42
C GLY B 128 13.20 -9.00 1.72
N ARG B 129 12.34 -8.20 2.39
CA ARG B 129 11.77 -8.53 3.76
C ARG B 129 10.21 -8.75 3.92
N VAL B 130 9.50 -8.79 2.79
CA VAL B 130 8.03 -8.86 2.75
C VAL B 130 7.58 -10.28 2.99
N GLY B 131 6.63 -10.45 3.89
CA GLY B 131 5.93 -11.74 4.05
C GLY B 131 4.54 -11.64 3.46
N TRP B 132 3.99 -12.78 3.04
CA TRP B 132 2.61 -12.84 2.53
C TRP B 132 1.71 -13.95 3.11
N ASN B 133 0.88 -13.62 4.11
CA ASN B 133 -0.05 -14.61 4.64
C ASN B 133 -1.19 -14.75 3.66
N ILE B 134 -1.27 -15.90 2.99
CA ILE B 134 -2.30 -16.10 1.97
C ILE B 134 -3.58 -16.42 2.74
N VAL B 135 -4.66 -15.75 2.31
CA VAL B 135 -5.98 -15.86 2.88
C VAL B 135 -6.93 -16.10 1.71
N THR B 136 -7.67 -17.21 1.80
CA THR B 136 -8.74 -17.57 0.87
C THR B 136 -10.14 -17.33 1.47
N GLY B 137 -10.13 -17.04 2.78
CA GLY B 137 -11.33 -16.79 3.56
C GLY B 137 -12.00 -15.44 3.38
N GLY B 138 -12.98 -15.20 4.24
CA GLY B 138 -13.80 -14.01 4.19
C GLY B 138 -15.02 -14.24 5.04
N THR B 139 -15.36 -13.23 5.85
CA THR B 139 -16.62 -13.20 6.62
C THR B 139 -17.73 -12.76 5.62
N ILE B 140 -19.02 -12.92 5.95
CA ILE B 140 -20.15 -12.58 4.99
C ILE B 140 -20.16 -11.12 4.50
N ASN B 141 -19.90 -10.20 5.43
CA ASN B 141 -19.84 -8.77 5.18
C ASN B 141 -18.76 -8.40 4.17
N ALA B 142 -17.59 -9.02 4.32
CA ALA B 142 -16.47 -8.86 3.38
C ALA B 142 -16.82 -9.30 1.95
N SER B 143 -17.70 -10.29 1.82
CA SER B 143 -18.25 -10.69 0.52
C SER B 143 -19.19 -9.60 0.01
N GLN B 144 -20.08 -9.13 0.89
CA GLN B 144 -21.01 -8.04 0.54
C GLN B 144 -20.35 -6.67 0.40
N ASN B 145 -19.14 -6.51 0.95
CA ASN B 145 -18.31 -5.32 0.69
C ASN B 145 -17.76 -5.26 -0.75
N PHE B 146 -17.81 -6.39 -1.47
CA PHE B 146 -17.41 -6.46 -2.89
C PHE B 146 -18.53 -6.95 -3.82
N GLY B 147 -19.78 -6.76 -3.42
CA GLY B 147 -20.94 -7.14 -4.24
C GLY B 147 -21.05 -8.62 -4.55
N TYR B 148 -21.37 -9.40 -3.52
CA TYR B 148 -21.63 -10.83 -3.66
C TYR B 148 -22.67 -11.21 -2.62
N ASP B 149 -23.70 -11.94 -3.04
CA ASP B 149 -24.81 -12.27 -2.14
C ASP B 149 -24.28 -13.01 -0.94
N SER B 150 -23.65 -14.15 -1.21
CA SER B 150 -23.19 -15.06 -0.18
C SER B 150 -21.77 -15.54 -0.48
N LEU B 151 -21.22 -16.23 0.51
CA LEU B 151 -19.94 -16.89 0.37
C LEU B 151 -20.00 -17.86 -0.81
N VAL B 152 -18.85 -18.05 -1.46
CA VAL B 152 -18.61 -19.27 -2.24
C VAL B 152 -18.31 -20.37 -1.22
N PRO B 153 -18.64 -21.63 -1.53
CA PRO B 153 -18.44 -22.63 -0.49
C PRO B 153 -16.94 -23.00 -0.27
N HIS B 154 -16.67 -23.50 0.93
CA HIS B 154 -15.33 -23.81 1.48
C HIS B 154 -14.36 -24.44 0.49
N ASP B 155 -14.80 -25.54 -0.12
CA ASP B 155 -14.01 -26.26 -1.12
C ASP B 155 -13.50 -25.32 -2.21
N GLU B 156 -14.41 -24.52 -2.76
CA GLU B 156 -14.09 -23.64 -3.88
C GLU B 156 -13.14 -22.50 -3.51
N ARG B 157 -13.22 -21.99 -2.29
CA ARG B 157 -12.25 -20.97 -1.84
C ARG B 157 -10.80 -21.42 -2.14
N TYR B 158 -10.46 -22.65 -1.79
CA TYR B 158 -9.13 -23.20 -2.08
C TYR B 158 -8.86 -23.52 -3.55
N ALA B 159 -9.91 -23.87 -4.31
CA ALA B 159 -9.79 -23.97 -5.78
C ALA B 159 -9.41 -22.61 -6.37
N ILE B 160 -10.28 -21.61 -6.15
CA ILE B 160 -10.00 -20.19 -6.48
C ILE B 160 -8.59 -19.85 -5.97
N GLY B 161 -8.31 -20.22 -4.73
CA GLY B 161 -6.97 -20.11 -4.15
C GLY B 161 -5.88 -20.52 -5.14
N GLU B 162 -5.92 -21.78 -5.57
CA GLU B 162 -4.83 -22.31 -6.38
C GLU B 162 -4.67 -21.58 -7.74
N GLU B 163 -5.76 -21.02 -8.27
CA GLU B 163 -5.66 -20.19 -9.48
C GLU B 163 -4.98 -18.87 -9.18
N TYR B 164 -5.35 -18.22 -8.07
CA TYR B 164 -4.75 -16.95 -7.71
C TYR B 164 -3.24 -17.07 -7.61
N MET B 165 -2.83 -18.15 -6.96
CA MET B 165 -1.42 -18.46 -6.80
C MET B 165 -0.77 -18.83 -8.14
N GLU B 166 -1.52 -19.57 -8.95
CA GLU B 166 -1.17 -19.84 -10.36
C GLU B 166 -0.96 -18.54 -11.18
N VAL B 167 -1.79 -17.52 -10.95
CA VAL B 167 -1.58 -16.21 -11.58
C VAL B 167 -0.37 -15.52 -10.96
N VAL B 168 -0.34 -15.35 -9.64
CA VAL B 168 0.78 -14.56 -9.10
C VAL B 168 2.15 -15.14 -9.40
N TYR B 169 2.30 -16.46 -9.28
CA TYR B 169 3.59 -17.09 -9.62
C TYR B 169 3.98 -16.83 -11.07
N LYS B 170 2.99 -16.81 -11.97
CA LYS B 170 3.25 -16.54 -13.39
C LYS B 170 3.95 -15.23 -13.54
N LEU B 171 3.37 -14.20 -12.95
CA LEU B 171 3.92 -12.85 -13.02
C LEU B 171 5.30 -12.75 -12.30
N TRP B 172 5.34 -13.14 -11.02
CA TRP B 172 6.56 -13.04 -10.22
C TRP B 172 7.77 -13.81 -10.79
N GLU B 173 7.54 -15.05 -11.25
CA GLU B 173 8.60 -15.95 -11.69
C GLU B 173 8.68 -16.16 -13.19
N GLY B 174 7.59 -16.02 -13.92
CA GLY B 174 7.57 -16.45 -15.31
C GLY B 174 7.85 -15.41 -16.37
N SER B 175 7.30 -14.23 -16.13
CA SER B 175 7.25 -13.16 -17.14
C SER B 175 8.63 -12.61 -17.43
N TRP B 176 9.27 -12.09 -16.40
CA TRP B 176 10.62 -11.58 -16.51
C TRP B 176 11.53 -12.79 -16.29
N ASP B 177 12.21 -13.22 -17.36
CA ASP B 177 13.26 -14.26 -17.28
C ASP B 177 14.58 -13.62 -16.83
N GLU B 178 15.45 -14.45 -16.25
CA GLU B 178 16.70 -13.94 -15.72
C GLU B 178 17.58 -13.23 -16.79
N GLY B 179 18.26 -12.17 -16.34
CA GLY B 179 19.00 -11.25 -17.22
C GLY B 179 18.10 -10.27 -17.97
N ALA B 180 16.90 -9.99 -17.42
CA ALA B 180 15.91 -9.08 -18.06
C ALA B 180 16.32 -7.62 -17.93
N LEU B 181 16.67 -7.20 -16.71
CA LEU B 181 17.31 -5.88 -16.49
C LEU B 181 18.70 -5.83 -17.20
N VAL B 182 19.05 -4.69 -17.78
CA VAL B 182 20.34 -4.50 -18.47
C VAL B 182 21.00 -3.18 -18.05
N ALA B 183 20.22 -2.09 -18.09
CA ALA B 183 20.55 -0.81 -17.45
C ALA B 183 21.78 -0.12 -18.01
N ASP B 184 22.14 -0.48 -19.25
CA ASP B 184 23.38 -0.01 -19.84
C ASP B 184 23.08 1.23 -20.65
N LYS B 185 23.62 2.35 -20.19
CA LYS B 185 23.33 3.69 -20.75
C LYS B 185 24.15 3.91 -22.03
N THR B 186 25.43 3.55 -21.98
CA THR B 186 26.31 3.56 -23.17
C THR B 186 25.60 2.80 -24.30
N LYS B 187 25.19 1.56 -24.02
CA LYS B 187 24.46 0.76 -25.01
C LYS B 187 23.07 1.37 -25.32
N GLY B 188 22.34 1.77 -24.28
CA GLY B 188 20.97 2.24 -24.43
C GLY B 188 20.01 1.07 -24.50
N ILE B 189 20.02 0.23 -23.48
CA ILE B 189 19.04 -0.87 -23.31
C ILE B 189 18.65 -1.04 -21.83
N TYR B 190 17.41 -0.69 -21.46
CA TYR B 190 17.01 -0.84 -20.07
C TYR B 190 16.58 -2.28 -19.76
N ALA B 191 15.76 -2.87 -20.61
CA ALA B 191 15.40 -4.27 -20.43
C ALA B 191 15.41 -5.11 -21.73
N ASP B 192 16.04 -6.30 -21.70
CA ASP B 192 16.05 -7.19 -22.88
C ASP B 192 14.61 -7.68 -23.09
N PRO B 193 13.95 -7.19 -24.16
CA PRO B 193 12.51 -7.52 -24.30
C PRO B 193 12.23 -8.98 -24.68
N SER B 194 13.24 -9.72 -25.17
CA SER B 194 13.14 -11.16 -25.43
C SER B 194 12.95 -11.96 -24.17
N LYS B 195 13.23 -11.32 -23.02
CA LYS B 195 13.18 -11.95 -21.72
C LYS B 195 11.97 -11.49 -20.87
N ILE B 196 10.99 -10.80 -21.50
CA ILE B 196 9.80 -10.22 -20.83
C ILE B 196 8.51 -10.59 -21.54
N HIS B 197 7.68 -11.40 -20.89
CA HIS B 197 6.59 -12.12 -21.55
C HIS B 197 5.25 -11.84 -20.91
N LYS B 198 4.20 -11.78 -21.73
CA LYS B 198 2.83 -11.80 -21.23
C LYS B 198 2.56 -13.18 -20.61
N ILE B 199 1.77 -13.27 -19.54
CA ILE B 199 1.41 -14.60 -18.94
C ILE B 199 0.22 -15.27 -19.62
N ASN B 200 -0.61 -14.47 -20.30
CA ASN B 200 -1.77 -14.95 -21.08
C ASN B 200 -2.56 -16.03 -20.38
N HIS B 201 -2.80 -15.77 -19.10
CA HIS B 201 -3.47 -16.70 -18.23
C HIS B 201 -4.96 -16.55 -18.48
N ARG B 202 -5.64 -17.64 -18.87
CA ARG B 202 -7.10 -17.67 -19.05
C ARG B 202 -7.68 -18.91 -18.34
N GLY B 203 -8.04 -18.78 -17.07
CA GLY B 203 -8.58 -19.89 -16.27
C GLY B 203 -10.01 -19.64 -15.79
N GLU B 204 -10.41 -20.37 -14.75
CA GLU B 204 -11.80 -20.33 -14.23
C GLU B 204 -12.28 -18.94 -13.77
N ARG B 205 -11.66 -18.38 -12.73
CA ARG B 205 -12.05 -17.05 -12.25
C ARG B 205 -11.24 -15.92 -12.89
N TYR B 206 -10.10 -16.19 -13.52
CA TYR B 206 -9.17 -15.10 -13.94
C TYR B 206 -8.69 -15.10 -15.41
N ARG B 207 -8.57 -13.89 -15.98
CA ARG B 207 -7.84 -13.66 -17.23
C ARG B 207 -6.90 -12.48 -17.04
N VAL B 208 -5.65 -12.63 -17.46
CA VAL B 208 -4.55 -11.68 -17.21
C VAL B 208 -3.55 -11.80 -18.34
N ALA B 209 -3.31 -10.70 -19.03
CA ALA B 209 -2.32 -10.67 -20.12
C ALA B 209 -0.94 -10.59 -19.54
N GLY B 210 -0.75 -9.63 -18.66
CA GLY B 210 0.58 -9.24 -18.30
C GLY B 210 1.19 -8.65 -19.55
N PRO B 211 2.51 -8.53 -19.63
CA PRO B 211 3.43 -8.95 -18.62
C PRO B 211 3.28 -8.21 -17.26
N HIS B 212 3.93 -8.80 -16.26
CA HIS B 212 4.10 -8.21 -14.95
C HIS B 212 4.84 -6.89 -15.13
N LEU B 213 4.50 -5.88 -14.33
CA LEU B 213 5.06 -4.53 -14.48
C LEU B 213 6.35 -4.16 -13.71
N THR B 214 6.80 -5.02 -12.81
CA THR B 214 7.93 -4.69 -11.93
C THR B 214 9.18 -5.48 -12.31
N LEU B 215 10.35 -4.81 -12.24
CA LEU B 215 11.65 -5.49 -12.19
C LEU B 215 11.59 -6.63 -11.22
N PRO B 216 12.16 -7.79 -11.59
CA PRO B 216 12.27 -8.88 -10.59
C PRO B 216 12.94 -8.40 -9.31
N SER B 217 12.42 -8.86 -8.16
CA SER B 217 12.78 -8.32 -6.84
C SER B 217 13.54 -9.37 -6.04
N PRO B 218 14.17 -8.97 -4.92
CA PRO B 218 15.14 -9.87 -4.28
C PRO B 218 14.57 -11.27 -3.97
N GLN B 219 13.41 -11.33 -3.36
CA GLN B 219 12.77 -12.60 -3.14
C GLN B 219 11.97 -13.08 -4.35
N ARG B 220 11.58 -12.14 -5.23
CA ARG B 220 10.65 -12.35 -6.37
C ARG B 220 9.24 -12.65 -5.88
N THR B 221 9.02 -13.88 -5.40
CA THR B 221 7.77 -14.29 -4.73
C THR B 221 7.97 -13.98 -3.26
N PRO B 222 7.12 -13.12 -2.65
CA PRO B 222 7.35 -12.82 -1.26
C PRO B 222 7.34 -14.08 -0.38
N PHE B 223 8.01 -13.98 0.77
CA PHE B 223 8.03 -15.07 1.72
C PHE B 223 6.61 -15.48 2.15
N LEU B 224 6.26 -16.76 2.00
CA LEU B 224 4.86 -17.22 2.06
C LEU B 224 4.39 -17.87 3.37
N PHE B 225 3.60 -17.10 4.13
CA PHE B 225 2.80 -17.64 5.24
C PHE B 225 1.47 -18.22 4.73
N GLN B 226 0.96 -19.24 5.43
CA GLN B 226 -0.40 -19.77 5.21
C GLN B 226 -0.94 -20.40 6.52
N ALA B 227 -2.27 -20.31 6.73
CA ALA B 227 -2.92 -20.70 8.00
C ALA B 227 -4.00 -21.81 7.96
N GLY B 228 -4.29 -22.36 6.77
CA GLY B 228 -5.36 -23.33 6.61
C GLY B 228 -5.36 -24.56 7.52
N ALA B 229 -6.27 -24.60 8.50
CA ALA B 229 -6.36 -25.72 9.47
C ALA B 229 -7.26 -26.89 9.03
N SER B 230 -8.15 -26.67 8.06
CA SER B 230 -8.99 -27.74 7.51
C SER B 230 -8.25 -28.56 6.46
N THR B 231 -8.90 -29.64 6.04
CA THR B 231 -8.43 -30.55 4.99
C THR B 231 -7.91 -29.80 3.77
N ALA B 232 -8.81 -29.02 3.17
CA ALA B 232 -8.50 -28.29 1.95
C ALA B 232 -7.29 -27.42 2.19
N GLY B 233 -7.30 -26.79 3.37
CA GLY B 233 -6.34 -25.78 3.77
C GLY B 233 -4.97 -26.29 4.12
N ARG B 234 -4.89 -27.32 4.95
CA ARG B 234 -3.58 -27.93 5.25
C ARG B 234 -2.95 -28.38 3.96
N ALA B 235 -3.75 -29.08 3.17
CA ALA B 235 -3.33 -29.49 1.84
C ALA B 235 -2.78 -28.34 0.99
N PHE B 236 -3.41 -27.16 1.11
CA PHE B 236 -2.97 -25.89 0.47
C PHE B 236 -1.65 -25.35 1.02
N ALA B 237 -1.54 -25.34 2.34
CA ALA B 237 -0.35 -24.87 3.04
C ALA B 237 0.84 -25.82 2.83
N SER B 238 0.57 -27.13 2.86
CA SER B 238 1.58 -28.16 2.52
C SER B 238 2.19 -27.97 1.13
N ARG B 239 1.38 -27.40 0.23
CA ARG B 239 1.69 -27.28 -1.18
C ARG B 239 2.45 -26.03 -1.55
N HIS B 240 2.08 -24.91 -0.89
CA HIS B 240 2.60 -23.53 -1.15
C HIS B 240 3.39 -22.81 -0.03
N ALA B 241 3.16 -23.14 1.24
CA ALA B 241 3.70 -22.33 2.37
C ALA B 241 5.15 -22.61 2.69
N GLU B 242 5.84 -21.60 3.22
CA GLU B 242 7.17 -21.74 3.86
C GLU B 242 7.03 -21.84 5.38
N ALA B 243 5.98 -21.25 5.92
CA ALA B 243 5.69 -21.34 7.33
C ALA B 243 4.18 -21.36 7.46
N THR B 244 3.67 -22.39 8.15
CA THR B 244 2.25 -22.45 8.36
C THR B 244 2.04 -21.96 9.76
N LEU B 245 1.01 -21.12 9.89
CA LEU B 245 0.59 -20.61 11.20
C LEU B 245 -0.51 -21.54 11.69
N VAL B 246 -0.19 -22.26 12.76
CA VAL B 246 -1.03 -23.31 13.29
C VAL B 246 -1.41 -22.99 14.71
N LEU B 247 -2.37 -23.74 15.23
CA LEU B 247 -2.82 -23.59 16.62
C LEU B 247 -2.94 -24.91 17.36
N CYS B 248 -1.80 -25.51 17.66
CA CYS B 248 -1.80 -26.77 18.35
C CYS B 248 -2.00 -26.52 19.84
N LEU B 249 -2.92 -27.30 20.44
CA LEU B 249 -3.38 -27.08 21.81
C LEU B 249 -2.41 -27.61 22.86
N THR B 250 -1.57 -28.58 22.48
CA THR B 250 -0.65 -29.28 23.39
C THR B 250 0.53 -29.83 22.58
N PRO B 251 1.71 -30.03 23.21
CA PRO B 251 2.81 -30.58 22.42
C PRO B 251 2.52 -31.93 21.78
N ASP B 252 1.69 -32.75 22.42
CA ASP B 252 1.23 -33.99 21.82
C ASP B 252 0.49 -33.70 20.52
N SER B 253 -0.34 -32.66 20.57
CA SER B 253 -1.06 -32.07 19.40
C SER B 253 -0.12 -31.64 18.20
N MET B 254 1.04 -31.08 18.53
CA MET B 254 2.05 -30.69 17.54
C MET B 254 2.71 -31.92 16.93
N ARG B 255 3.13 -32.86 17.78
CA ARG B 255 3.75 -34.12 17.38
C ARG B 255 2.88 -34.86 16.37
N VAL B 256 1.58 -34.93 16.62
CA VAL B 256 0.61 -35.47 15.65
C VAL B 256 0.49 -34.59 14.40
N ALA B 257 0.23 -33.30 14.62
CA ALA B 257 0.06 -32.36 13.51
C ALA B 257 1.32 -32.24 12.61
N TYR B 258 2.51 -32.33 13.19
CA TYR B 258 3.80 -32.28 12.46
C TYR B 258 3.97 -33.50 11.57
N LYS B 259 3.68 -34.66 12.16
CA LYS B 259 3.72 -35.93 11.46
C LYS B 259 2.84 -35.84 10.22
N GLN B 260 1.62 -35.35 10.41
CA GLN B 260 0.67 -35.21 9.33
C GLN B 260 1.20 -34.38 8.18
N MET B 261 1.77 -33.21 8.49
CA MET B 261 2.30 -32.29 7.46
C MET B 261 3.37 -32.95 6.60
N GLN B 262 4.22 -33.76 7.23
CA GLN B 262 5.35 -34.42 6.57
C GLN B 262 4.94 -35.46 5.53
N GLU B 263 3.71 -35.98 5.66
CA GLU B 263 3.07 -36.84 4.66
C GLU B 263 2.49 -35.98 3.57
N LEU B 264 1.83 -34.89 3.97
CA LEU B 264 1.26 -33.93 3.02
C LEU B 264 2.32 -33.25 2.18
N LEU B 265 3.49 -33.04 2.77
CA LEU B 265 4.61 -32.40 2.08
C LEU B 265 5.27 -33.32 1.07
N ALA B 266 5.41 -34.60 1.44
CA ALA B 266 6.02 -35.60 0.56
C ALA B 266 5.18 -35.82 -0.65
N ALA B 267 3.87 -35.96 -0.44
CA ALA B 267 2.87 -35.98 -1.53
C ALA B 267 2.89 -34.69 -2.39
N ALA B 268 2.93 -33.56 -1.70
CA ALA B 268 3.11 -32.27 -2.35
C ALA B 268 4.46 -32.04 -3.07
N GLY B 269 5.37 -33.03 -3.08
CA GLY B 269 6.67 -32.88 -3.75
C GLY B 269 7.74 -32.07 -3.05
N ARG B 270 7.79 -32.08 -1.72
CA ARG B 270 8.65 -31.16 -1.00
C ARG B 270 9.39 -31.84 0.09
N ALA B 271 10.60 -31.34 0.37
CA ALA B 271 11.42 -31.93 1.41
C ALA B 271 10.84 -31.47 2.73
N SER B 272 11.23 -32.19 3.79
CA SER B 272 10.62 -32.03 5.11
C SER B 272 10.98 -30.69 5.78
N ASP B 273 12.18 -30.20 5.50
CA ASP B 273 12.58 -28.83 5.93
C ASP B 273 11.74 -27.71 5.27
N ASP B 274 11.44 -27.85 3.97
CA ASP B 274 10.77 -26.82 3.09
C ASP B 274 9.60 -25.96 3.63
N LEU B 275 8.99 -26.36 4.76
CA LEU B 275 7.91 -25.62 5.45
C LEU B 275 8.06 -25.67 7.00
N LEU B 276 7.74 -24.58 7.72
CA LEU B 276 7.78 -24.53 9.23
C LEU B 276 6.43 -24.40 9.99
N MET B 277 6.24 -25.31 10.95
CA MET B 277 5.06 -25.33 11.82
C MET B 277 5.27 -24.28 12.88
N VAL B 278 4.70 -23.10 12.68
CA VAL B 278 4.92 -21.95 13.56
C VAL B 278 3.70 -21.78 14.46
N GLN B 279 3.90 -21.88 15.78
CA GLN B 279 2.80 -22.00 16.76
C GLN B 279 2.27 -20.70 17.36
N GLY B 280 0.96 -20.61 17.48
CA GLY B 280 0.34 -19.48 18.18
C GLY B 280 0.59 -19.61 19.68
N MET B 281 0.91 -18.48 20.32
CA MET B 281 1.34 -18.45 21.73
C MET B 281 1.33 -17.04 22.31
N SER B 282 1.45 -16.97 23.63
CA SER B 282 1.52 -15.69 24.31
C SER B 282 2.08 -15.90 25.69
N PHE B 283 3.03 -15.06 26.08
CA PHE B 283 3.75 -15.23 27.34
C PHE B 283 3.48 -14.08 28.29
N ILE B 284 3.50 -14.39 29.57
CA ILE B 284 3.53 -13.37 30.59
C ILE B 284 4.68 -13.81 31.48
N VAL B 285 5.63 -12.92 31.71
CA VAL B 285 6.86 -13.25 32.40
C VAL B 285 6.90 -12.58 33.77
N GLY B 286 7.75 -13.08 34.66
CA GLY B 286 8.11 -12.40 35.91
C GLY B 286 9.48 -12.89 36.35
N SER B 287 10.13 -12.21 37.29
CA SER B 287 11.43 -12.69 37.82
C SER B 287 11.31 -13.87 38.85
N THR B 288 10.25 -13.89 39.65
CA THR B 288 9.82 -15.09 40.35
C THR B 288 8.58 -15.64 39.67
N GLU B 289 8.05 -16.75 40.17
CA GLU B 289 6.80 -17.32 39.68
C GLU B 289 5.59 -16.55 40.22
N GLU B 290 5.71 -16.02 41.43
CA GLU B 290 4.68 -15.14 42.01
C GLU B 290 4.57 -13.78 41.32
N GLU B 291 5.69 -13.26 40.81
CA GLU B 291 5.64 -12.04 40.01
C GLU B 291 4.78 -12.22 38.76
N ALA B 292 4.92 -13.34 38.07
CA ALA B 292 4.25 -13.54 36.78
C ALA B 292 2.78 -13.92 36.91
N ARG B 293 2.45 -14.70 37.95
CA ARG B 293 1.04 -15.00 38.25
C ARG B 293 0.28 -13.71 38.65
N ARG B 294 0.95 -12.87 39.44
CA ARG B 294 0.44 -11.55 39.83
C ARG B 294 0.15 -10.65 38.60
N LYS B 295 1.00 -10.68 37.58
CA LYS B 295 0.71 -9.98 36.30
C LYS B 295 -0.54 -10.53 35.60
N ALA B 296 -0.66 -11.86 35.58
CA ALA B 296 -1.73 -12.54 34.87
C ALA B 296 -3.11 -12.24 35.47
N GLU B 297 -3.18 -12.06 36.79
CA GLU B 297 -4.40 -11.55 37.48
C GLU B 297 -4.77 -10.16 36.99
N GLU B 298 -3.79 -9.25 37.08
CA GLU B 298 -3.97 -7.83 36.74
C GLU B 298 -4.53 -7.61 35.33
N GLN B 299 -4.00 -8.35 34.36
CA GLN B 299 -4.45 -8.22 32.98
C GLN B 299 -5.82 -8.86 32.78
N ASP B 300 -6.01 -10.08 33.29
CA ASP B 300 -7.23 -10.84 33.01
C ASP B 300 -8.52 -10.18 33.52
N GLN B 301 -8.41 -9.25 34.48
CA GLN B 301 -9.52 -8.34 34.85
C GLN B 301 -10.21 -7.81 33.60
N TYR B 302 -9.37 -7.34 32.68
CA TYR B 302 -9.78 -6.60 31.49
C TYR B 302 -10.14 -7.53 30.32
N LEU B 303 -9.84 -8.82 30.47
CA LEU B 303 -10.34 -9.84 29.56
C LEU B 303 -11.88 -9.91 29.63
N ASP B 304 -12.54 -9.32 28.64
CA ASP B 304 -13.99 -9.46 28.44
C ASP B 304 -14.27 -10.84 27.85
N VAL B 305 -15.35 -11.49 28.30
CA VAL B 305 -15.74 -12.86 27.84
C VAL B 305 -16.87 -12.88 26.78
N ASP B 306 -17.80 -11.94 26.91
CA ASP B 306 -18.90 -11.78 25.95
C ASP B 306 -18.37 -11.33 24.59
N ALA B 307 -17.37 -10.45 24.61
CA ALA B 307 -16.69 -10.02 23.40
C ALA B 307 -15.91 -11.19 22.80
N LEU B 308 -15.23 -11.96 23.66
CA LEU B 308 -14.54 -13.17 23.24
C LEU B 308 -15.50 -14.10 22.52
N ALA B 309 -16.65 -14.34 23.15
CA ALA B 309 -17.75 -15.13 22.56
C ALA B 309 -18.13 -14.64 21.15
N ALA B 310 -18.22 -13.31 21.00
CA ALA B 310 -18.57 -12.67 19.74
C ALA B 310 -17.56 -12.82 18.61
N ARG B 311 -16.30 -13.11 18.94
CA ARG B 311 -15.29 -13.40 17.92
C ARG B 311 -15.31 -14.89 17.57
N VAL B 312 -15.40 -15.74 18.60
CA VAL B 312 -15.64 -17.19 18.46
C VAL B 312 -16.83 -17.45 17.52
N SER B 313 -17.90 -16.68 17.77
CA SER B 313 -19.17 -16.75 17.01
C SER B 313 -19.06 -16.27 15.57
N ARG B 314 -18.39 -15.13 15.33
CA ARG B 314 -18.08 -14.68 13.96
C ARG B 314 -17.54 -15.82 13.08
N ASP B 315 -16.66 -16.64 13.67
CA ASP B 315 -15.93 -17.72 12.96
C ASP B 315 -16.75 -19.02 12.85
N LEU B 316 -17.31 -19.46 13.97
CA LEU B 316 -18.01 -20.76 14.08
C LEU B 316 -19.56 -20.68 13.87
N GLY B 317 -20.05 -19.65 13.17
CA GLY B 317 -21.50 -19.46 12.97
C GLY B 317 -22.33 -19.02 14.17
N VAL B 318 -22.32 -19.80 15.25
CA VAL B 318 -23.39 -19.74 16.28
C VAL B 318 -23.21 -18.68 17.39
N ASP B 319 -24.22 -17.82 17.55
CA ASP B 319 -24.22 -16.75 18.56
C ASP B 319 -24.59 -17.23 19.98
N LEU B 320 -23.65 -17.11 20.92
CA LEU B 320 -23.89 -17.52 22.30
C LEU B 320 -24.94 -16.64 23.04
N SER B 321 -25.67 -17.29 23.95
CA SER B 321 -26.52 -16.64 24.96
C SER B 321 -26.06 -17.05 26.36
N LYS B 354 -12.92 -24.09 31.31
CA LYS B 354 -13.87 -23.00 31.52
C LYS B 354 -14.07 -22.18 30.23
N VAL B 355 -15.06 -21.28 30.24
CA VAL B 355 -15.41 -20.44 29.09
C VAL B 355 -14.30 -19.40 28.83
N LYS B 356 -13.54 -19.05 29.88
CA LYS B 356 -12.30 -18.25 29.78
C LYS B 356 -11.07 -19.02 29.22
N ASP B 357 -11.27 -20.27 28.79
CA ASP B 357 -10.27 -21.05 28.08
C ASP B 357 -10.67 -21.34 26.62
N LEU B 358 -11.63 -20.55 26.13
CA LEU B 358 -11.84 -20.32 24.69
C LEU B 358 -10.72 -19.53 23.99
N PRO B 359 -9.92 -18.72 24.73
CA PRO B 359 -8.73 -18.11 24.11
C PRO B 359 -7.60 -19.07 23.75
N LEU B 360 -7.73 -20.35 24.13
CA LEU B 360 -6.90 -21.41 23.54
C LEU B 360 -7.22 -21.76 22.08
N LEU B 361 -8.31 -21.22 21.53
CA LEU B 361 -8.50 -21.27 20.07
C LEU B 361 -7.57 -20.34 19.26
N TYR B 362 -6.92 -19.35 19.88
CA TYR B 362 -6.14 -18.33 19.13
C TYR B 362 -4.67 -18.25 19.50
N SER B 363 -4.35 -18.41 20.78
CA SER B 363 -2.96 -18.58 21.22
C SER B 363 -2.83 -19.27 22.59
N ILE B 364 -1.80 -20.15 22.67
CA ILE B 364 -1.45 -20.88 23.88
C ILE B 364 -0.62 -20.01 24.81
N ARG B 365 -1.14 -19.79 26.01
CA ARG B 365 -0.48 -18.93 26.97
C ARG B 365 0.49 -19.70 27.90
N ILE B 366 1.59 -19.05 28.22
CA ILE B 366 2.54 -19.55 29.17
C ILE B 366 2.83 -18.41 30.09
N VAL B 367 2.60 -18.61 31.37
CA VAL B 367 3.03 -17.68 32.39
C VAL B 367 4.18 -18.33 33.12
N GLY B 368 5.09 -17.51 33.62
CA GLY B 368 6.17 -17.98 34.48
C GLY B 368 7.44 -17.16 34.40
N THR B 369 8.56 -17.80 34.78
CA THR B 369 9.88 -17.20 34.73
C THR B 369 10.46 -17.50 33.37
N PRO B 370 11.55 -16.81 33.00
CA PRO B 370 12.19 -17.16 31.74
C PRO B 370 12.72 -18.59 31.71
N GLU B 371 13.10 -19.14 32.87
CA GLU B 371 13.50 -20.54 32.94
C GLU B 371 12.32 -21.42 32.57
N THR B 372 11.18 -21.23 33.23
CA THR B 372 9.92 -21.91 32.85
C THR B 372 9.58 -21.84 31.35
N ILE B 373 9.58 -20.62 30.82
CA ILE B 373 9.05 -20.36 29.48
C ILE B 373 10.00 -20.88 28.40
N ALA B 374 11.27 -21.09 28.76
CA ALA B 374 12.24 -21.78 27.89
C ALA B 374 12.13 -23.30 28.02
N ASP B 375 12.05 -23.80 29.26
CA ASP B 375 11.83 -25.22 29.58
C ASP B 375 10.61 -25.75 28.84
N GLU B 376 9.55 -24.93 28.82
CA GLU B 376 8.25 -25.32 28.30
C GLU B 376 8.23 -25.26 26.78
N LEU B 377 8.89 -24.24 26.24
CA LEU B 377 9.01 -24.07 24.80
C LEU B 377 9.91 -25.11 24.18
N THR B 378 10.83 -25.72 24.95
CA THR B 378 11.66 -26.85 24.45
C THR B 378 10.76 -28.01 24.03
N GLU B 379 9.82 -28.34 24.91
CA GLU B 379 8.88 -29.44 24.67
C GLU B 379 8.15 -29.32 23.33
N TRP B 380 7.66 -28.11 23.06
CA TRP B 380 7.01 -27.76 21.81
C TRP B 380 7.98 -27.90 20.65
N ARG B 381 9.16 -27.28 20.75
CA ARG B 381 10.18 -27.39 19.69
C ARG B 381 10.54 -28.86 19.40
N ASP B 382 10.67 -29.69 20.44
CA ASP B 382 11.02 -31.10 20.29
C ASP B 382 9.90 -31.92 19.66
N ALA B 383 8.64 -31.49 19.85
CA ALA B 383 7.45 -32.09 19.24
C ALA B 383 7.23 -31.68 17.80
N GLY B 384 8.05 -30.72 17.33
CA GLY B 384 8.09 -30.28 15.94
C GLY B 384 7.86 -28.80 15.63
N MET B 385 7.64 -27.98 16.67
CA MET B 385 7.46 -26.53 16.48
C MET B 385 8.74 -25.90 15.99
N GLY B 386 8.70 -25.23 14.84
CA GLY B 386 9.88 -24.57 14.22
C GLY B 386 9.98 -23.06 14.46
N GLY B 387 8.85 -22.48 14.90
CA GLY B 387 8.78 -21.08 15.29
C GLY B 387 7.57 -20.78 16.17
N ILE B 388 7.64 -19.66 16.88
CA ILE B 388 6.58 -19.14 17.73
C ILE B 388 5.87 -18.07 16.94
N ASN B 389 4.55 -17.98 17.08
CA ASN B 389 3.75 -16.97 16.43
C ASN B 389 3.10 -16.15 17.51
N MET B 390 3.86 -15.20 18.04
CA MET B 390 3.54 -14.54 19.30
C MET B 390 2.56 -13.37 19.22
N ALA B 391 1.40 -13.54 19.85
CA ALA B 391 0.36 -12.52 19.94
C ALA B 391 0.43 -11.78 21.29
N ALA B 392 -0.12 -10.55 21.27
CA ALA B 392 -0.07 -9.63 22.39
C ALA B 392 -1.42 -9.49 23.12
N GLN B 393 -1.35 -9.54 24.45
CA GLN B 393 -2.48 -9.30 25.35
C GLN B 393 -2.57 -7.81 25.72
N MET B 394 -1.39 -7.24 26.03
CA MET B 394 -1.11 -5.79 26.01
C MET B 394 -0.05 -5.48 24.97
N LEU B 395 -0.03 -4.24 24.53
CA LEU B 395 1.12 -3.65 23.85
C LEU B 395 1.42 -2.30 24.48
N PRO B 396 2.69 -1.89 24.58
CA PRO B 396 3.83 -2.67 24.06
C PRO B 396 4.33 -3.79 25.01
N GLY B 397 3.61 -3.97 26.14
CA GLY B 397 4.05 -4.82 27.26
C GLY B 397 4.41 -6.25 26.91
N THR B 398 3.45 -6.98 26.35
CA THR B 398 3.67 -8.39 26.04
C THR B 398 4.98 -8.58 25.24
N ASP B 399 5.15 -7.77 24.18
CA ASP B 399 6.34 -7.83 23.33
C ASP B 399 7.59 -7.39 24.09
N ALA B 400 7.51 -6.24 24.75
CA ALA B 400 8.65 -5.76 25.55
C ALA B 400 9.07 -6.77 26.64
N ASP B 401 8.09 -7.34 27.33
CA ASP B 401 8.40 -8.29 28.39
C ASP B 401 9.06 -9.52 27.77
N PHE B 402 8.51 -10.03 26.66
CA PHE B 402 9.12 -11.15 25.95
C PHE B 402 10.54 -10.83 25.50
N VAL B 403 10.75 -9.64 24.94
CA VAL B 403 12.07 -9.26 24.43
C VAL B 403 13.09 -9.08 25.56
N ASP B 404 12.67 -8.44 26.65
CA ASP B 404 13.60 -8.06 27.70
C ASP B 404 13.97 -9.25 28.60
N TYR B 405 13.02 -10.17 28.79
CA TYR B 405 13.14 -11.29 29.76
C TYR B 405 13.40 -12.68 29.13
N VAL B 406 12.55 -13.06 28.17
CA VAL B 406 12.57 -14.42 27.59
C VAL B 406 13.72 -14.55 26.57
N VAL B 407 13.82 -13.59 25.64
CA VAL B 407 14.83 -13.67 24.57
C VAL B 407 16.25 -13.97 25.07
N PRO B 408 16.75 -13.18 26.05
CA PRO B 408 18.10 -13.46 26.58
C PRO B 408 18.27 -14.91 27.00
N GLU B 409 17.24 -15.44 27.66
CA GLU B 409 17.27 -16.83 28.09
C GLU B 409 17.33 -17.80 26.90
N LEU B 410 16.58 -17.53 25.85
CA LEU B 410 16.60 -18.42 24.67
C LEU B 410 17.91 -18.37 23.88
N GLN B 411 18.51 -17.17 23.88
CA GLN B 411 19.82 -16.96 23.25
C GLN B 411 20.97 -17.68 23.96
N ARG B 412 20.96 -17.67 25.30
CA ARG B 412 21.80 -18.55 26.16
C ARG B 412 21.72 -20.01 25.71
N ARG B 413 20.48 -20.51 25.67
CA ARG B 413 20.20 -21.92 25.42
C ARG B 413 20.28 -22.29 23.96
N GLY B 414 20.61 -21.34 23.10
CA GLY B 414 20.82 -21.61 21.69
C GLY B 414 19.50 -21.86 20.99
N MET B 415 18.43 -21.33 21.56
CA MET B 415 17.13 -21.52 20.99
C MET B 415 16.74 -20.37 20.07
N VAL B 416 17.27 -19.16 20.34
CA VAL B 416 16.95 -17.90 19.60
C VAL B 416 18.22 -17.20 19.03
N GLN B 417 18.14 -16.70 17.79
CA GLN B 417 19.31 -16.10 17.15
C GLN B 417 19.97 -14.99 18.01
N HIS B 418 21.30 -14.99 18.00
CA HIS B 418 22.12 -13.92 18.60
C HIS B 418 22.15 -12.67 17.73
N GLU B 419 22.17 -12.84 16.41
CA GLU B 419 22.35 -11.72 15.47
C GLU B 419 21.84 -12.00 14.06
N TYR B 420 21.16 -11.03 13.49
CA TYR B 420 20.57 -11.19 12.19
C TYR B 420 21.59 -11.63 11.14
N ARG B 421 21.21 -12.59 10.29
CA ARG B 421 22.05 -13.12 9.22
C ARG B 421 21.72 -12.29 8.00
N PRO B 422 22.71 -12.00 7.15
CA PRO B 422 22.41 -11.12 6.02
C PRO B 422 21.68 -11.78 4.89
N GLY B 423 21.02 -10.94 4.10
CA GLY B 423 20.19 -11.36 2.98
C GLY B 423 18.70 -11.18 3.28
N THR B 424 17.88 -11.79 2.41
CA THR B 424 16.42 -11.67 2.44
C THR B 424 15.78 -12.45 3.57
N LEU B 425 14.50 -12.21 3.79
CA LEU B 425 13.69 -12.98 4.72
C LEU B 425 13.61 -14.47 4.36
N ARG B 426 13.64 -14.80 3.08
CA ARG B 426 13.78 -16.21 2.72
C ARG B 426 15.08 -16.73 3.24
N GLU B 427 16.14 -15.96 2.98
CA GLU B 427 17.51 -16.31 3.37
C GLU B 427 17.73 -16.32 4.85
N LYS B 428 16.98 -15.50 5.58
CA LYS B 428 16.99 -15.53 7.05
C LYS B 428 16.26 -16.74 7.62
N VAL B 429 15.12 -17.17 7.08
CA VAL B 429 14.44 -18.36 7.70
C VAL B 429 15.12 -19.68 7.31
N PHE B 430 15.71 -19.75 6.10
CA PHE B 430 16.43 -20.96 5.59
C PHE B 430 17.90 -20.69 5.24
N PRO B 431 18.78 -20.68 6.26
CA PRO B 431 20.21 -20.57 6.13
C PRO B 431 20.86 -21.36 5.01
N GLY B 432 21.70 -20.68 4.21
CA GLY B 432 22.42 -21.30 3.07
C GLY B 432 21.63 -21.60 1.81
N ARG B 433 20.34 -21.28 1.85
CA ARG B 433 19.47 -21.36 0.68
C ARG B 433 19.61 -20.08 -0.17
N ASP B 434 19.21 -20.21 -1.43
CA ASP B 434 19.12 -19.07 -2.34
C ASP B 434 18.00 -18.11 -1.88
N ARG B 435 18.17 -16.83 -2.18
CA ARG B 435 17.09 -15.82 -2.02
C ARG B 435 15.80 -16.21 -2.73
N LEU B 436 15.92 -16.85 -3.89
CA LEU B 436 14.77 -17.32 -4.62
C LEU B 436 14.36 -18.65 -4.04
N LEU B 437 13.12 -19.00 -4.34
CA LEU B 437 12.55 -20.28 -3.94
C LEU B 437 13.18 -21.50 -4.65
N ASN B 438 13.01 -22.65 -4.01
CA ASN B 438 13.59 -23.92 -4.47
C ASN B 438 12.87 -24.45 -5.69
N GLU B 439 13.54 -25.31 -6.45
CA GLU B 439 12.90 -25.99 -7.58
C GLU B 439 11.78 -26.94 -7.10
N ARG B 440 11.81 -27.41 -5.84
CA ARG B 440 10.71 -28.22 -5.27
C ARG B 440 9.46 -27.41 -5.04
N HIS B 441 9.55 -26.06 -4.98
CA HIS B 441 8.36 -25.20 -4.80
C HIS B 441 7.62 -24.90 -6.11
N PRO B 442 6.26 -24.99 -6.10
CA PRO B 442 5.37 -24.73 -7.25
C PRO B 442 5.69 -23.50 -8.07
N ALA B 443 6.10 -22.43 -7.38
CA ALA B 443 6.46 -21.19 -8.04
C ALA B 443 7.56 -21.42 -9.09
N SER B 444 8.52 -22.27 -8.76
CA SER B 444 9.66 -22.53 -9.65
C SER B 444 9.24 -23.09 -11.01
N ARG B 445 8.19 -23.95 -11.02
CA ARG B 445 7.59 -24.46 -12.25
C ARG B 445 7.45 -23.38 -13.29
N TYR B 446 7.22 -22.14 -12.84
CA TYR B 446 6.90 -21.03 -13.76
C TYR B 446 8.12 -20.35 -14.36
N ARG B 447 9.27 -20.46 -13.69
CA ARG B 447 10.53 -19.96 -14.24
C ARG B 447 10.73 -20.44 -15.68
N GLY B 448 10.83 -19.48 -16.58
CA GLY B 448 11.19 -19.76 -17.94
C GLY B 448 10.10 -20.27 -18.85
N ILE B 449 8.88 -20.58 -18.37
CA ILE B 449 7.93 -21.27 -19.25
C ILE B 449 7.41 -20.45 -20.46
N PHE B 450 7.88 -19.20 -20.64
CA PHE B 450 7.49 -18.37 -21.82
C PHE B 450 8.56 -18.08 -22.87
N SER B 451 9.84 -18.25 -22.56
CA SER B 451 10.86 -18.25 -23.60
C SER B 451 11.21 -19.69 -23.93
#